data_1LOD
#
_entry.id   1LOD
#
_cell.length_a   56.400
_cell.length_b   139.800
_cell.length_c   62.700
_cell.angle_alpha   90.00
_cell.angle_beta   91.00
_cell.angle_gamma   90.00
#
_symmetry.space_group_name_H-M   'P 1 21 1'
#
loop_
_entity.id
_entity.type
_entity.pdbx_description
1 polymer 'LEGUME ISOLECTIN I (ALPHA CHAIN)'
2 polymer 'LEGUME ISOLECTIN I (BETA CHAIN)'
3 non-polymer 'CALCIUM ION'
4 non-polymer 'MANGANESE (II) ION'
5 non-polymer 'beta-muramic acid'
6 water water
#
loop_
_entity_poly.entity_id
_entity_poly.type
_entity_poly.pdbx_seq_one_letter_code
_entity_poly.pdbx_strand_id
1 'polypeptide(L)'
;TETTSFSITKFGPDQQNLIFQGDGYTTKERLTLTKAVRNTVGRALYSSPIHIWDSKTGNVANFVTSFTFVIDAPNSYNVA
DGFTFFIAPVDTKPQTGGGYLGVFNSKDYDKTSQTVAVEFDTFYNTAWDPSNGDRHIGIDVNSIKSINTKSWALQNGKEA
NVVIAFNAATNVLTVSLTYPN
;
A,C,E,G
2 'polypeptide(L)' ETSYTLNEVVPLKEFVPEWVRIGFSATTGAEFAAHEVLSWYFHSELAGTSSS B,D,F,H
#
loop_
_chem_comp.id
_chem_comp.type
_chem_comp.name
_chem_comp.formula
CA non-polymer 'CALCIUM ION' 'Ca 2'
MN non-polymer 'MANGANESE (II) ION' 'Mn 2'
MUR D-saccharide, beta linking 'beta-muramic acid' 'C9 H17 N O7'
#
# COMPACT_ATOMS: atom_id res chain seq x y z
N THR A 1 -12.10 -4.75 -23.18
CA THR A 1 -10.73 -4.73 -22.73
C THR A 1 -10.55 -5.73 -21.60
N GLU A 2 -9.41 -6.42 -21.67
CA GLU A 2 -8.99 -7.41 -20.71
C GLU A 2 -7.53 -7.18 -20.46
N THR A 3 -7.21 -7.10 -19.19
CA THR A 3 -5.83 -6.89 -18.78
C THR A 3 -5.40 -7.97 -17.78
N THR A 4 -4.14 -8.40 -17.81
CA THR A 4 -3.60 -9.29 -16.82
C THR A 4 -2.30 -8.65 -16.45
N SER A 5 -2.01 -8.49 -15.17
CA SER A 5 -0.70 -7.98 -14.76
C SER A 5 -0.23 -8.71 -13.50
N PHE A 6 1.07 -8.88 -13.32
CA PHE A 6 1.58 -9.37 -12.05
C PHE A 6 3.05 -9.00 -11.92
N SER A 7 3.57 -8.97 -10.70
CA SER A 7 5.00 -8.83 -10.50
C SER A 7 5.38 -9.68 -9.31
N ILE A 8 6.57 -10.27 -9.37
CA ILE A 8 7.14 -11.03 -8.29
C ILE A 8 8.56 -10.56 -8.30
N THR A 9 8.84 -9.69 -7.36
CA THR A 9 10.16 -9.10 -7.13
C THR A 9 11.11 -10.02 -6.35
N LYS A 10 10.60 -11.01 -5.65
CA LYS A 10 11.34 -11.86 -4.75
C LYS A 10 10.43 -13.08 -4.67
N PHE A 11 10.85 -14.24 -5.12
CA PHE A 11 10.07 -15.46 -5.09
C PHE A 11 10.27 -16.01 -3.72
N GLY A 12 9.36 -16.76 -3.15
CA GLY A 12 9.58 -17.28 -1.82
C GLY A 12 9.17 -18.71 -1.86
N PRO A 13 9.21 -19.55 -0.82
CA PRO A 13 9.06 -20.99 -0.91
C PRO A 13 7.70 -21.55 -1.22
N ASP A 14 6.62 -20.84 -1.05
CA ASP A 14 5.32 -21.40 -1.39
C ASP A 14 4.71 -20.43 -2.41
N GLN A 15 5.13 -20.54 -3.68
CA GLN A 15 4.71 -19.59 -4.71
C GLN A 15 3.57 -20.20 -5.47
N GLN A 16 2.39 -20.08 -4.87
CA GLN A 16 1.24 -20.76 -5.41
C GLN A 16 0.62 -20.26 -6.69
N ASN A 17 1.05 -19.14 -7.22
CA ASN A 17 0.48 -18.59 -8.44
C ASN A 17 1.35 -18.98 -9.61
N LEU A 18 2.29 -19.88 -9.37
CA LEU A 18 3.16 -20.48 -10.36
C LEU A 18 2.86 -21.99 -10.43
N ILE A 19 2.93 -22.59 -11.62
CA ILE A 19 2.77 -24.02 -11.84
C ILE A 19 4.18 -24.45 -12.10
N PHE A 20 4.75 -25.39 -11.36
CA PHE A 20 6.10 -25.86 -11.58
C PHE A 20 6.10 -27.13 -12.39
N GLN A 21 7.00 -27.35 -13.34
CA GLN A 21 7.00 -28.61 -14.07
C GLN A 21 8.41 -29.09 -14.06
N GLY A 22 8.59 -30.40 -14.16
CA GLY A 22 9.93 -30.96 -14.14
C GLY A 22 10.59 -30.70 -12.80
N ASP A 23 11.80 -30.18 -12.80
CA ASP A 23 12.53 -29.92 -11.59
C ASP A 23 12.63 -28.48 -11.10
N GLY A 24 11.76 -27.62 -11.62
CA GLY A 24 11.78 -26.22 -11.22
C GLY A 24 11.13 -26.06 -9.87
N TYR A 25 11.64 -25.19 -9.01
CA TYR A 25 11.09 -24.95 -7.69
C TYR A 25 11.66 -23.61 -7.32
N THR A 26 11.23 -23.05 -6.23
CA THR A 26 11.59 -21.72 -5.81
C THR A 26 12.51 -21.93 -4.57
N THR A 27 13.64 -21.24 -4.39
CA THR A 27 14.56 -21.46 -3.26
C THR A 27 15.44 -20.25 -3.03
N LYS A 28 15.61 -19.94 -1.75
CA LYS A 28 16.41 -18.83 -1.25
C LYS A 28 16.19 -17.51 -2.03
N GLU A 29 14.88 -17.16 -2.14
CA GLU A 29 14.38 -16.00 -2.88
C GLU A 29 14.30 -16.11 -4.41
N ARG A 30 14.80 -17.20 -5.00
CA ARG A 30 14.89 -17.38 -6.43
C ARG A 30 13.94 -18.41 -7.00
N LEU A 31 13.62 -18.30 -8.28
CA LEU A 31 12.96 -19.36 -8.99
C LEU A 31 14.12 -20.15 -9.55
N THR A 32 14.34 -21.41 -9.22
CA THR A 32 15.44 -22.19 -9.78
C THR A 32 14.84 -23.13 -10.84
N LEU A 33 15.25 -22.97 -12.11
CA LEU A 33 14.75 -23.84 -13.14
C LEU A 33 15.60 -25.10 -13.21
N THR A 34 16.90 -24.92 -13.07
CA THR A 34 17.84 -26.03 -13.12
C THR A 34 18.93 -25.77 -12.09
N LYS A 35 19.43 -26.77 -11.39
CA LYS A 35 20.63 -26.59 -10.58
C LYS A 35 21.73 -26.92 -11.55
N ALA A 36 22.97 -26.83 -11.12
CA ALA A 36 24.07 -27.12 -12.02
C ALA A 36 24.32 -28.61 -11.92
N VAL A 37 23.48 -29.37 -12.64
CA VAL A 37 23.35 -30.82 -12.58
C VAL A 37 23.03 -31.30 -14.01
N ARG A 38 23.52 -32.46 -14.46
CA ARG A 38 23.26 -33.01 -15.77
C ARG A 38 21.83 -33.44 -15.90
N ASN A 39 21.45 -33.53 -17.16
CA ASN A 39 20.16 -34.06 -17.61
C ASN A 39 18.90 -33.59 -16.93
N THR A 40 18.68 -32.26 -16.78
CA THR A 40 17.46 -31.78 -16.14
C THR A 40 16.69 -30.79 -17.00
N VAL A 41 15.39 -30.66 -16.71
CA VAL A 41 14.44 -29.77 -17.37
C VAL A 41 13.69 -29.13 -16.20
N GLY A 42 13.43 -27.83 -16.18
CA GLY A 42 12.60 -27.22 -15.19
C GLY A 42 11.78 -26.17 -15.87
N ARG A 43 10.51 -26.01 -15.60
CA ARG A 43 9.69 -24.98 -16.25
C ARG A 43 8.82 -24.42 -15.13
N ALA A 44 8.31 -23.21 -15.29
CA ALA A 44 7.43 -22.62 -14.34
C ALA A 44 6.52 -21.75 -15.18
N LEU A 45 5.23 -21.75 -14.93
CA LEU A 45 4.21 -21.11 -15.73
C LEU A 45 3.41 -20.17 -14.85
N TYR A 46 2.92 -19.02 -15.31
CA TYR A 46 2.03 -18.25 -14.47
C TYR A 46 0.73 -19.03 -14.39
N SER A 47 -0.01 -19.06 -13.27
CA SER A 47 -1.15 -19.94 -13.24
C SER A 47 -2.34 -19.51 -14.04
N SER A 48 -2.61 -18.24 -14.20
CA SER A 48 -3.74 -17.81 -14.98
C SER A 48 -3.43 -17.82 -16.50
N PRO A 49 -4.28 -18.44 -17.34
CA PRO A 49 -4.31 -18.32 -18.79
C PRO A 49 -4.38 -16.87 -19.19
N ILE A 50 -3.67 -16.38 -20.19
CA ILE A 50 -3.90 -15.01 -20.57
C ILE A 50 -4.51 -14.90 -22.00
N HIS A 51 -5.44 -13.98 -22.27
CA HIS A 51 -6.13 -13.86 -23.55
C HIS A 51 -5.17 -13.13 -24.48
N ILE A 52 -4.46 -13.81 -25.37
CA ILE A 52 -3.53 -13.09 -26.22
C ILE A 52 -4.17 -12.59 -27.54
N TRP A 53 -5.28 -13.10 -28.04
CA TRP A 53 -5.91 -12.53 -29.21
C TRP A 53 -7.32 -13.02 -29.11
N ASP A 54 -8.26 -12.45 -29.86
CA ASP A 54 -9.64 -12.86 -29.74
C ASP A 54 -10.25 -13.20 -31.08
N SER A 55 -10.82 -14.38 -31.28
CA SER A 55 -11.39 -14.73 -32.58
C SER A 55 -12.65 -13.94 -32.92
N LYS A 56 -13.49 -13.54 -31.93
CA LYS A 56 -14.71 -12.77 -32.20
C LYS A 56 -14.47 -11.39 -32.79
N THR A 57 -13.42 -10.70 -32.44
CA THR A 57 -13.17 -9.38 -32.98
C THR A 57 -11.90 -9.32 -33.78
N GLY A 58 -11.06 -10.35 -33.77
CA GLY A 58 -9.77 -10.35 -34.48
C GLY A 58 -8.62 -9.57 -33.86
N ASN A 59 -8.87 -8.89 -32.72
CA ASN A 59 -7.88 -8.12 -31.92
C ASN A 59 -6.82 -9.00 -31.26
N VAL A 60 -5.57 -8.59 -31.26
CA VAL A 60 -4.54 -9.30 -30.54
C VAL A 60 -4.00 -8.29 -29.50
N ALA A 61 -3.53 -8.81 -28.36
CA ALA A 61 -3.08 -8.05 -27.23
C ALA A 61 -1.71 -7.44 -27.39
N ASN A 62 -1.43 -6.37 -26.67
CA ASN A 62 -0.09 -5.83 -26.52
C ASN A 62 0.47 -6.44 -25.24
N PHE A 63 1.75 -6.75 -25.05
CA PHE A 63 2.19 -7.20 -23.72
C PHE A 63 3.64 -6.82 -23.60
N VAL A 64 4.10 -6.74 -22.36
CA VAL A 64 5.51 -6.53 -22.09
C VAL A 64 5.86 -7.37 -20.86
N THR A 65 7.01 -8.01 -20.81
CA THR A 65 7.40 -8.72 -19.60
C THR A 65 8.83 -8.33 -19.35
N SER A 66 9.30 -8.20 -18.09
CA SER A 66 10.74 -8.03 -17.90
C SER A 66 11.12 -8.99 -16.79
N PHE A 67 12.35 -9.50 -16.70
CA PHE A 67 12.73 -10.40 -15.63
C PHE A 67 14.22 -10.32 -15.42
N THR A 68 14.84 -10.65 -14.30
CA THR A 68 16.27 -10.72 -14.36
C THR A 68 16.58 -12.17 -14.03
N PHE A 69 17.65 -12.70 -14.57
CA PHE A 69 17.94 -14.13 -14.42
C PHE A 69 19.45 -14.25 -14.30
N VAL A 70 19.94 -15.41 -13.87
CA VAL A 70 21.34 -15.61 -13.70
C VAL A 70 21.61 -16.96 -14.33
N ILE A 71 22.73 -17.17 -15.02
CA ILE A 71 23.18 -18.48 -15.46
C ILE A 71 24.53 -18.65 -14.77
N ASP A 72 24.68 -19.68 -13.91
CA ASP A 72 25.92 -19.92 -13.18
C ASP A 72 26.50 -21.26 -13.58
N ALA A 73 27.59 -21.26 -14.26
CA ALA A 73 28.18 -22.44 -14.82
C ALA A 73 29.54 -22.71 -14.21
N PRO A 74 30.04 -23.94 -14.13
CA PRO A 74 31.39 -24.25 -13.61
C PRO A 74 32.54 -23.36 -14.08
N ASN A 75 32.43 -22.98 -15.34
CA ASN A 75 33.35 -22.09 -15.99
C ASN A 75 32.62 -21.59 -17.25
N SER A 76 33.23 -20.71 -18.02
CA SER A 76 32.64 -20.22 -19.26
C SER A 76 32.75 -21.15 -20.44
N TYR A 77 33.45 -22.25 -20.42
CA TYR A 77 33.54 -23.10 -21.58
C TYR A 77 32.47 -24.15 -21.56
N ASN A 78 32.15 -24.79 -20.43
CA ASN A 78 31.26 -25.94 -20.46
C ASN A 78 29.97 -25.43 -19.88
N VAL A 79 29.03 -24.96 -20.69
CA VAL A 79 27.83 -24.29 -20.22
C VAL A 79 26.74 -24.89 -21.05
N ALA A 80 25.58 -25.30 -20.56
CA ALA A 80 24.53 -25.75 -21.46
C ALA A 80 23.29 -25.87 -20.65
N ASP A 81 22.04 -25.93 -21.07
CA ASP A 81 21.67 -25.65 -22.43
C ASP A 81 21.13 -24.26 -22.76
N GLY A 82 20.40 -23.75 -21.80
CA GLY A 82 19.78 -22.46 -22.00
C GLY A 82 18.50 -22.34 -21.23
N PHE A 83 17.82 -21.23 -21.54
CA PHE A 83 16.68 -20.70 -20.84
C PHE A 83 15.77 -20.13 -21.90
N THR A 84 14.46 -20.13 -21.69
CA THR A 84 13.47 -19.68 -22.64
C THR A 84 12.42 -18.88 -21.84
N PHE A 85 11.75 -17.90 -22.46
CA PHE A 85 10.50 -17.36 -22.00
C PHE A 85 9.58 -17.88 -23.11
N PHE A 86 8.45 -18.50 -22.89
CA PHE A 86 7.63 -19.05 -23.94
C PHE A 86 6.15 -18.76 -23.71
N ILE A 87 5.41 -18.93 -24.80
CA ILE A 87 3.98 -18.70 -24.82
C ILE A 87 3.45 -20.00 -25.39
N ALA A 88 2.43 -20.65 -24.88
CA ALA A 88 2.11 -21.97 -25.34
C ALA A 88 0.68 -22.25 -24.97
N PRO A 89 0.02 -23.33 -25.45
CA PRO A 89 -1.33 -23.66 -25.07
C PRO A 89 -1.45 -23.77 -23.58
N VAL A 90 -2.66 -23.64 -23.08
CA VAL A 90 -2.96 -23.68 -21.65
C VAL A 90 -2.52 -24.97 -21.01
N ASP A 91 -2.55 -26.06 -21.76
CA ASP A 91 -2.17 -27.36 -21.25
C ASP A 91 -0.75 -27.76 -21.51
N THR A 92 0.13 -26.87 -21.92
CA THR A 92 1.52 -27.20 -22.14
C THR A 92 2.17 -28.01 -21.00
N LYS A 93 3.07 -28.94 -21.38
CA LYS A 93 3.76 -29.91 -20.52
C LYS A 93 5.17 -29.91 -21.09
N PRO A 94 6.21 -30.22 -20.30
CA PRO A 94 7.59 -30.27 -20.74
C PRO A 94 7.81 -31.11 -21.99
N GLN A 95 8.52 -30.61 -22.97
CA GLN A 95 8.87 -31.39 -24.16
C GLN A 95 10.30 -31.86 -23.96
N THR A 96 11.08 -32.03 -25.01
CA THR A 96 12.39 -32.63 -24.85
C THR A 96 13.42 -31.76 -24.13
N GLY A 97 14.27 -32.32 -23.26
CA GLY A 97 15.30 -31.56 -22.61
C GLY A 97 16.49 -31.34 -23.51
N GLY A 98 17.69 -31.19 -22.90
CA GLY A 98 18.92 -30.92 -23.63
C GLY A 98 18.74 -29.70 -24.54
N GLY A 99 19.28 -29.73 -25.75
CA GLY A 99 19.21 -28.66 -26.72
C GLY A 99 17.84 -28.23 -27.14
N TYR A 100 16.76 -28.99 -26.98
CA TYR A 100 15.38 -28.57 -27.24
C TYR A 100 14.75 -27.72 -26.13
N LEU A 101 15.50 -27.44 -25.04
CA LEU A 101 15.16 -26.52 -23.99
C LEU A 101 13.83 -26.70 -23.30
N GLY A 102 13.25 -27.89 -23.35
CA GLY A 102 12.00 -28.19 -22.68
C GLY A 102 10.77 -27.66 -23.39
N VAL A 103 10.88 -27.08 -24.58
CA VAL A 103 9.69 -26.47 -25.18
C VAL A 103 9.34 -26.99 -26.57
N PHE A 104 10.30 -27.57 -27.28
CA PHE A 104 10.12 -28.13 -28.62
C PHE A 104 10.70 -29.55 -28.65
N ASN A 105 10.37 -30.25 -29.74
CA ASN A 105 10.72 -31.65 -29.98
C ASN A 105 11.50 -31.86 -31.24
N SER A 106 11.59 -30.85 -32.09
CA SER A 106 12.19 -31.05 -33.37
C SER A 106 12.69 -29.73 -33.90
N LYS A 107 13.58 -29.82 -34.88
CA LYS A 107 13.95 -28.65 -35.64
C LYS A 107 12.96 -28.46 -36.81
N ASP A 108 12.16 -29.47 -37.17
CA ASP A 108 11.17 -29.32 -38.21
C ASP A 108 10.00 -28.52 -37.70
N TYR A 109 9.39 -27.76 -38.60
CA TYR A 109 8.32 -26.90 -38.28
C TYR A 109 7.12 -27.74 -37.96
N ASP A 110 6.45 -27.48 -36.86
CA ASP A 110 5.28 -28.24 -36.55
C ASP A 110 4.18 -27.29 -36.08
N LYS A 111 3.16 -27.04 -36.90
CA LYS A 111 2.10 -26.11 -36.49
C LYS A 111 1.24 -26.55 -35.31
N THR A 112 1.34 -27.81 -34.98
CA THR A 112 0.67 -28.40 -33.85
C THR A 112 1.31 -27.98 -32.51
N SER A 113 2.56 -27.50 -32.51
CA SER A 113 3.27 -27.08 -31.30
C SER A 113 2.59 -25.87 -30.67
N GLN A 114 2.24 -24.86 -31.47
CA GLN A 114 1.57 -23.66 -31.01
C GLN A 114 2.33 -22.97 -29.90
N THR A 115 3.65 -22.93 -30.01
CA THR A 115 4.50 -22.37 -28.98
C THR A 115 5.45 -21.37 -29.62
N VAL A 116 5.55 -20.16 -29.10
CA VAL A 116 6.60 -19.28 -29.54
C VAL A 116 7.44 -19.05 -28.29
N ALA A 117 8.75 -18.97 -28.49
CA ALA A 117 9.66 -18.87 -27.39
C ALA A 117 10.78 -17.89 -27.68
N VAL A 118 11.34 -17.20 -26.70
CA VAL A 118 12.53 -16.41 -26.92
C VAL A 118 13.53 -17.21 -26.14
N GLU A 119 14.59 -17.64 -26.78
CA GLU A 119 15.59 -18.47 -26.12
C GLU A 119 16.89 -17.74 -25.87
N PHE A 120 17.59 -18.14 -24.84
CA PHE A 120 18.85 -17.60 -24.43
C PHE A 120 19.68 -18.89 -24.33
N ASP A 121 20.36 -19.13 -25.44
CA ASP A 121 20.96 -20.40 -25.73
C ASP A 121 22.47 -20.43 -25.59
N THR A 122 22.97 -21.28 -24.70
CA THR A 122 24.37 -21.29 -24.38
C THR A 122 25.24 -22.36 -24.99
N PHE A 123 24.62 -23.31 -25.67
CA PHE A 123 25.31 -24.46 -26.24
C PHE A 123 24.90 -24.62 -27.69
N TYR A 124 25.96 -24.73 -28.45
CA TYR A 124 25.85 -24.93 -29.87
C TYR A 124 25.43 -26.31 -30.27
N ASN A 125 24.23 -26.47 -30.82
CA ASN A 125 23.84 -27.81 -31.21
C ASN A 125 24.01 -27.69 -32.70
N THR A 126 24.95 -28.43 -33.31
CA THR A 126 25.27 -28.25 -34.70
C THR A 126 24.14 -28.55 -35.68
N ALA A 127 23.08 -29.25 -35.32
CA ALA A 127 22.04 -29.60 -36.22
C ALA A 127 21.09 -28.45 -36.47
N TRP A 128 21.04 -27.41 -35.66
CA TRP A 128 20.05 -26.38 -35.93
C TRP A 128 20.54 -25.02 -35.50
N ASP A 129 21.60 -24.89 -34.69
CA ASP A 129 22.03 -23.59 -34.18
C ASP A 129 22.94 -22.87 -35.14
N PRO A 130 23.06 -21.56 -35.00
CA PRO A 130 23.89 -20.76 -35.90
C PRO A 130 25.29 -21.37 -36.04
N SER A 131 25.77 -21.57 -37.27
CA SER A 131 27.03 -22.30 -37.47
C SER A 131 28.29 -21.60 -36.99
N ASN A 132 28.19 -20.31 -36.62
CA ASN A 132 29.34 -19.60 -36.04
C ASN A 132 29.61 -20.13 -34.65
N GLY A 133 28.69 -20.90 -34.07
CA GLY A 133 28.92 -21.53 -32.79
C GLY A 133 28.75 -20.61 -31.61
N ASP A 134 28.30 -19.37 -31.79
CA ASP A 134 28.16 -18.46 -30.67
C ASP A 134 26.92 -18.72 -29.83
N ARG A 135 26.97 -18.34 -28.55
CA ARG A 135 25.82 -18.35 -27.68
C ARG A 135 24.90 -17.26 -28.27
N HIS A 136 23.60 -17.32 -28.14
CA HIS A 136 22.74 -16.43 -28.88
C HIS A 136 21.39 -16.29 -28.24
N ILE A 137 20.72 -15.21 -28.60
CA ILE A 137 19.31 -14.94 -28.26
C ILE A 137 18.55 -15.37 -29.53
N GLY A 138 17.37 -15.99 -29.47
CA GLY A 138 16.68 -16.42 -30.66
C GLY A 138 15.18 -16.30 -30.48
N ILE A 139 14.43 -16.24 -31.56
CA ILE A 139 12.99 -16.26 -31.46
C ILE A 139 12.62 -17.53 -32.23
N ASP A 140 11.85 -18.37 -31.55
CA ASP A 140 11.50 -19.68 -32.02
C ASP A 140 10.05 -19.77 -32.28
N VAL A 141 9.54 -20.14 -33.43
CA VAL A 141 8.11 -20.34 -33.45
C VAL A 141 7.90 -21.72 -34.06
N ASN A 142 7.37 -22.57 -33.17
CA ASN A 142 6.99 -23.93 -33.51
C ASN A 142 8.18 -24.83 -33.89
N SER A 143 9.43 -24.50 -33.57
CA SER A 143 10.57 -25.28 -33.94
C SER A 143 11.70 -24.75 -33.08
N ILE A 144 12.73 -25.54 -32.80
CA ILE A 144 13.90 -25.12 -32.01
C ILE A 144 14.91 -24.36 -32.87
N LYS A 145 14.72 -24.45 -34.22
CA LYS A 145 15.57 -23.68 -35.13
C LYS A 145 14.94 -22.30 -35.20
N SER A 146 15.66 -21.29 -34.71
CA SER A 146 15.15 -19.91 -34.59
C SER A 146 14.89 -19.23 -35.93
N ILE A 147 13.82 -18.43 -36.02
CA ILE A 147 13.61 -17.65 -37.24
C ILE A 147 14.58 -16.47 -37.28
N ASN A 148 15.18 -16.06 -36.16
CA ASN A 148 16.16 -15.00 -36.14
C ASN A 148 16.97 -15.12 -34.87
N THR A 149 18.25 -14.76 -34.88
CA THR A 149 19.09 -14.96 -33.73
C THR A 149 20.02 -13.76 -33.58
N LYS A 150 20.59 -13.48 -32.40
CA LYS A 150 21.53 -12.40 -32.23
C LYS A 150 22.64 -12.96 -31.35
N SER A 151 23.93 -12.81 -31.67
CA SER A 151 25.01 -13.30 -30.84
C SER A 151 25.04 -12.59 -29.51
N TRP A 152 25.32 -13.30 -28.42
CA TRP A 152 25.32 -12.71 -27.11
C TRP A 152 26.50 -13.31 -26.39
N ALA A 153 27.28 -12.52 -25.62
CA ALA A 153 28.39 -13.04 -24.82
C ALA A 153 27.90 -13.20 -23.36
N LEU A 154 27.91 -14.43 -22.85
CA LEU A 154 27.49 -14.77 -21.51
C LEU A 154 28.45 -14.19 -20.51
N GLN A 155 27.91 -13.59 -19.47
CA GLN A 155 28.71 -13.17 -18.34
C GLN A 155 28.27 -14.19 -17.28
N ASN A 156 29.15 -15.15 -17.05
CA ASN A 156 28.78 -16.23 -16.16
C ASN A 156 28.63 -15.76 -14.72
N GLY A 157 27.50 -16.10 -14.09
CA GLY A 157 27.24 -15.72 -12.72
C GLY A 157 26.65 -14.34 -12.56
N LYS A 158 26.54 -13.53 -13.59
CA LYS A 158 26.08 -12.16 -13.44
C LYS A 158 24.60 -12.03 -13.68
N GLU A 159 23.83 -11.15 -13.08
CA GLU A 159 22.42 -10.95 -13.40
C GLU A 159 22.20 -10.24 -14.73
N ALA A 160 21.19 -10.66 -15.50
CA ALA A 160 20.92 -10.03 -16.78
C ALA A 160 19.51 -9.57 -16.71
N ASN A 161 19.23 -8.43 -17.26
CA ASN A 161 17.93 -7.81 -17.25
C ASN A 161 17.34 -7.98 -18.61
N VAL A 162 16.15 -8.53 -18.73
CA VAL A 162 15.53 -8.74 -20.03
C VAL A 162 14.19 -8.02 -20.08
N VAL A 163 13.88 -7.42 -21.26
CA VAL A 163 12.57 -6.88 -21.53
C VAL A 163 12.14 -7.50 -22.86
N ILE A 164 10.90 -7.98 -22.96
CA ILE A 164 10.36 -8.60 -24.17
C ILE A 164 9.05 -7.86 -24.30
N ALA A 165 8.81 -7.22 -25.45
CA ALA A 165 7.57 -6.53 -25.70
C ALA A 165 6.95 -6.95 -27.04
N PHE A 166 5.63 -7.01 -27.08
CA PHE A 166 4.91 -7.28 -28.30
C PHE A 166 3.97 -6.11 -28.62
N ASN A 167 4.09 -5.57 -29.82
CA ASN A 167 3.25 -4.47 -30.25
C ASN A 167 2.30 -5.05 -31.27
N ALA A 168 1.01 -5.04 -30.97
CA ALA A 168 0.02 -5.68 -31.81
C ALA A 168 -0.31 -4.91 -33.09
N ALA A 169 -0.11 -3.58 -33.09
CA ALA A 169 -0.38 -2.76 -34.29
C ALA A 169 0.62 -3.14 -35.37
N THR A 170 1.87 -3.51 -35.03
CA THR A 170 2.87 -3.88 -36.01
C THR A 170 3.24 -5.33 -35.99
N ASN A 171 2.73 -6.06 -35.01
CA ASN A 171 3.09 -7.46 -34.71
C ASN A 171 4.59 -7.61 -34.54
N VAL A 172 5.29 -6.63 -33.97
CA VAL A 172 6.71 -6.75 -33.80
C VAL A 172 6.95 -7.20 -32.35
N LEU A 173 7.85 -8.19 -32.21
CA LEU A 173 8.33 -8.72 -30.94
C LEU A 173 9.72 -8.17 -30.72
N THR A 174 9.98 -7.47 -29.60
CA THR A 174 11.31 -6.93 -29.38
C THR A 174 11.94 -7.59 -28.18
N VAL A 175 13.21 -7.93 -28.17
CA VAL A 175 13.84 -8.54 -26.99
C VAL A 175 15.05 -7.70 -26.64
N SER A 176 15.35 -7.29 -25.40
CA SER A 176 16.66 -6.73 -25.18
C SER A 176 17.19 -7.36 -23.91
N LEU A 177 18.48 -7.67 -23.84
CA LEU A 177 19.09 -8.21 -22.65
C LEU A 177 20.16 -7.17 -22.31
N THR A 178 20.20 -6.71 -21.06
CA THR A 178 21.22 -5.80 -20.58
C THR A 178 22.03 -6.32 -19.40
N TYR A 179 23.35 -6.30 -19.40
CA TYR A 179 24.11 -6.52 -18.18
C TYR A 179 24.49 -5.12 -17.68
N PRO A 180 24.48 -4.84 -16.37
CA PRO A 180 24.98 -3.59 -15.76
C PRO A 180 26.34 -3.04 -16.17
N GLU B 1 25.27 -1.61 -18.94
CA GLU B 1 25.64 -1.00 -20.19
C GLU B 1 26.03 -1.95 -21.33
N THR B 2 26.00 -3.28 -21.23
CA THR B 2 26.19 -4.08 -22.40
C THR B 2 24.82 -4.62 -22.69
N SER B 3 24.30 -4.31 -23.86
CA SER B 3 23.00 -4.74 -24.35
C SER B 3 23.08 -5.44 -25.67
N TYR B 4 22.01 -6.23 -25.87
CA TYR B 4 21.78 -7.12 -27.04
C TYR B 4 20.30 -6.96 -27.31
N THR B 5 19.87 -6.67 -28.52
CA THR B 5 18.46 -6.43 -28.87
C THR B 5 18.17 -7.27 -30.10
N LEU B 6 16.98 -7.81 -30.29
CA LEU B 6 16.61 -8.61 -31.42
C LEU B 6 15.18 -8.16 -31.64
N ASN B 7 14.82 -7.94 -32.90
CA ASN B 7 13.47 -7.46 -33.25
C ASN B 7 12.91 -8.34 -34.32
N GLU B 8 11.64 -8.70 -34.34
CA GLU B 8 11.17 -9.50 -35.44
C GLU B 8 9.71 -9.30 -35.57
N VAL B 9 9.10 -9.49 -36.73
CA VAL B 9 7.67 -9.37 -36.88
C VAL B 9 7.16 -10.79 -36.68
N VAL B 10 6.31 -11.02 -35.69
CA VAL B 10 5.80 -12.35 -35.47
C VAL B 10 4.30 -12.24 -35.29
N PRO B 11 3.47 -12.56 -36.28
CA PRO B 11 2.02 -12.46 -36.20
C PRO B 11 1.45 -13.53 -35.32
N LEU B 12 1.46 -13.27 -33.99
CA LEU B 12 1.02 -14.22 -32.98
C LEU B 12 -0.30 -14.97 -33.16
N LYS B 13 -1.32 -14.28 -33.65
CA LYS B 13 -2.59 -14.88 -33.96
C LYS B 13 -2.51 -16.09 -34.89
N GLU B 14 -1.49 -16.18 -35.73
CA GLU B 14 -1.36 -17.31 -36.67
C GLU B 14 -0.78 -18.57 -36.06
N PHE B 15 -0.10 -18.37 -34.91
CA PHE B 15 0.69 -19.42 -34.31
C PHE B 15 0.19 -19.94 -33.00
N VAL B 16 -0.39 -19.11 -32.14
CA VAL B 16 -0.71 -19.40 -30.75
C VAL B 16 -2.22 -19.47 -30.56
N PRO B 17 -2.82 -20.25 -29.63
CA PRO B 17 -4.25 -20.19 -29.35
C PRO B 17 -4.65 -18.82 -28.80
N GLU B 18 -5.95 -18.58 -28.67
CA GLU B 18 -6.42 -17.31 -28.14
C GLU B 18 -6.08 -17.16 -26.67
N TRP B 19 -6.14 -18.26 -25.92
CA TRP B 19 -5.86 -18.35 -24.50
C TRP B 19 -4.58 -19.12 -24.39
N VAL B 20 -3.56 -18.58 -23.70
CA VAL B 20 -2.28 -19.22 -23.59
C VAL B 20 -1.78 -19.29 -22.13
N ARG B 21 -0.74 -20.05 -21.80
CA ARG B 21 -0.05 -19.86 -20.52
C ARG B 21 1.33 -19.33 -20.88
N ILE B 22 2.02 -18.59 -20.04
CA ILE B 22 3.34 -18.05 -20.35
C ILE B 22 4.34 -18.53 -19.30
N GLY B 23 5.63 -18.67 -19.53
CA GLY B 23 6.45 -19.08 -18.44
C GLY B 23 7.86 -19.20 -18.87
N PHE B 24 8.66 -19.92 -18.11
CA PHE B 24 10.07 -20.09 -18.39
C PHE B 24 10.47 -21.55 -18.47
N SER B 25 11.49 -21.94 -19.21
CA SER B 25 11.96 -23.31 -19.16
C SER B 25 13.48 -23.24 -19.17
N ALA B 26 14.22 -24.17 -18.61
CA ALA B 26 15.64 -24.25 -18.84
C ALA B 26 16.02 -25.72 -18.71
N THR B 27 17.17 -26.10 -19.28
CA THR B 27 17.51 -27.49 -19.34
C THR B 27 18.98 -27.60 -19.30
N THR B 28 19.46 -28.82 -19.01
CA THR B 28 20.87 -29.16 -19.11
C THR B 28 20.91 -30.52 -19.79
N GLY B 29 22.04 -31.00 -20.22
CA GLY B 29 22.10 -32.27 -20.90
C GLY B 29 23.40 -32.87 -20.40
N ALA B 30 24.34 -33.14 -21.27
CA ALA B 30 25.63 -33.67 -20.85
C ALA B 30 26.47 -32.54 -20.22
N GLU B 31 26.21 -31.26 -20.50
CA GLU B 31 26.87 -30.16 -19.87
C GLU B 31 25.76 -29.46 -19.14
N PHE B 32 26.07 -28.51 -18.26
CA PHE B 32 25.09 -27.99 -17.32
C PHE B 32 25.36 -26.62 -16.77
N ALA B 33 24.41 -26.01 -16.13
CA ALA B 33 24.65 -24.74 -15.50
C ALA B 33 23.44 -24.52 -14.64
N ALA B 34 23.44 -23.66 -13.61
CA ALA B 34 22.24 -23.37 -12.85
C ALA B 34 21.54 -22.24 -13.61
N HIS B 35 20.21 -22.22 -13.71
CA HIS B 35 19.44 -21.24 -14.44
C HIS B 35 18.46 -20.70 -13.42
N GLU B 36 18.44 -19.43 -13.03
CA GLU B 36 17.55 -19.05 -11.97
C GLU B 36 16.95 -17.71 -12.35
N VAL B 37 15.72 -17.40 -11.96
CA VAL B 37 15.08 -16.14 -12.28
C VAL B 37 14.89 -15.43 -10.92
N LEU B 38 15.25 -14.15 -10.87
CA LEU B 38 15.21 -13.38 -9.64
C LEU B 38 13.99 -12.48 -9.53
N SER B 39 13.35 -12.05 -10.61
CA SER B 39 12.15 -11.24 -10.50
C SER B 39 11.43 -11.38 -11.82
N TRP B 40 10.15 -11.13 -11.87
CA TRP B 40 9.40 -11.24 -13.10
C TRP B 40 8.27 -10.21 -13.02
N TYR B 41 8.06 -9.45 -14.10
CA TYR B 41 6.91 -8.55 -14.23
C TYR B 41 6.21 -8.83 -15.57
N PHE B 42 4.87 -8.84 -15.66
CA PHE B 42 4.17 -9.03 -16.89
C PHE B 42 2.96 -8.14 -16.96
N HIS B 43 2.73 -7.55 -18.14
CA HIS B 43 1.45 -6.87 -18.32
C HIS B 43 0.84 -7.10 -19.73
N SER B 44 -0.41 -7.50 -19.95
CA SER B 44 -0.98 -7.60 -21.26
C SER B 44 -2.29 -6.82 -21.27
N GLU B 45 -2.70 -6.31 -22.44
CA GLU B 45 -3.96 -5.61 -22.59
C GLU B 45 -4.59 -6.00 -23.93
N LEU B 46 -5.80 -6.48 -23.97
CA LEU B 46 -6.50 -6.85 -25.16
C LEU B 46 -7.70 -5.94 -25.21
N ALA B 47 -7.67 -4.97 -26.12
CA ALA B 47 -8.78 -4.09 -26.44
C ALA B 47 -9.95 -4.88 -27.02
N THR C 1 8.28 -8.13 -2.99
CA THR C 1 6.99 -7.56 -3.34
C THR C 1 6.27 -8.38 -4.42
N GLU C 2 4.97 -8.50 -4.25
CA GLU C 2 4.15 -9.21 -5.18
C GLU C 2 2.93 -8.38 -5.49
N THR C 3 2.51 -8.24 -6.76
CA THR C 3 1.21 -7.62 -7.06
C THR C 3 0.46 -8.52 -8.02
N THR C 4 -0.86 -8.55 -8.06
CA THR C 4 -1.65 -9.29 -9.02
C THR C 4 -2.69 -8.25 -9.47
N SER C 5 -2.97 -8.04 -10.76
CA SER C 5 -4.09 -7.18 -11.16
C SER C 5 -4.77 -7.74 -12.39
N PHE C 6 -6.05 -7.44 -12.60
CA PHE C 6 -6.68 -7.83 -13.86
C PHE C 6 -7.91 -6.98 -14.06
N SER C 7 -8.46 -6.85 -15.27
CA SER C 7 -9.74 -6.24 -15.46
C SER C 7 -10.36 -6.95 -16.63
N ILE C 8 -11.69 -7.06 -16.55
CA ILE C 8 -12.53 -7.63 -17.57
C ILE C 8 -13.69 -6.65 -17.63
N THR C 9 -13.68 -5.91 -18.76
CA THR C 9 -14.67 -4.92 -19.14
C THR C 9 -15.94 -5.54 -19.70
N LYS C 10 -15.79 -6.65 -20.42
CA LYS C 10 -16.86 -7.36 -21.08
C LYS C 10 -16.45 -8.81 -20.99
N PHE C 11 -17.36 -9.68 -20.66
CA PHE C 11 -17.07 -11.09 -20.52
C PHE C 11 -17.36 -11.87 -21.78
N GLY C 12 -16.51 -12.77 -22.21
CA GLY C 12 -16.76 -13.51 -23.44
C GLY C 12 -17.26 -14.90 -23.13
N PRO C 13 -17.71 -15.71 -24.10
CA PRO C 13 -18.25 -17.05 -23.88
C PRO C 13 -17.21 -18.03 -23.42
N ASP C 14 -15.93 -17.77 -23.63
CA ASP C 14 -14.88 -18.65 -23.22
C ASP C 14 -13.88 -17.80 -22.43
N GLN C 15 -14.13 -17.65 -21.16
CA GLN C 15 -13.41 -16.71 -20.31
C GLN C 15 -12.61 -17.65 -19.46
N GLN C 16 -11.52 -18.08 -20.02
CA GLN C 16 -10.69 -19.08 -19.39
C GLN C 16 -9.87 -18.67 -18.17
N ASN C 17 -9.70 -17.38 -17.87
CA ASN C 17 -9.02 -17.02 -16.63
C ASN C 17 -9.97 -17.02 -15.44
N LEU C 18 -11.23 -17.46 -15.57
CA LEU C 18 -12.14 -17.60 -14.46
C LEU C 18 -12.45 -19.06 -14.25
N ILE C 19 -12.77 -19.48 -13.03
CA ILE C 19 -13.16 -20.83 -12.68
C ILE C 19 -14.62 -20.69 -12.40
N PHE C 20 -15.51 -21.45 -13.00
CA PHE C 20 -16.96 -21.35 -12.82
C PHE C 20 -17.41 -22.51 -11.96
N GLN C 21 -18.36 -22.28 -11.06
CA GLN C 21 -18.82 -23.34 -10.20
C GLN C 21 -20.33 -23.20 -10.22
N GLY C 22 -21.02 -24.32 -9.97
CA GLY C 22 -22.45 -24.32 -10.05
C GLY C 22 -22.91 -23.93 -11.45
N ASP C 23 -23.88 -23.04 -11.55
CA ASP C 23 -24.40 -22.66 -12.85
C ASP C 23 -23.85 -21.36 -13.42
N GLY C 24 -22.80 -20.81 -12.78
CA GLY C 24 -22.28 -19.54 -13.23
C GLY C 24 -21.69 -19.74 -14.60
N TYR C 25 -21.95 -18.90 -15.58
CA TYR C 25 -21.28 -18.98 -16.87
C TYR C 25 -21.37 -17.57 -17.46
N THR C 26 -20.72 -17.27 -18.57
CA THR C 26 -20.77 -15.94 -19.17
C THR C 26 -21.69 -15.97 -20.38
N THR C 27 -22.49 -14.95 -20.64
CA THR C 27 -23.50 -14.93 -21.70
C THR C 27 -23.77 -13.49 -21.97
N LYS C 28 -24.07 -13.12 -23.23
CA LYS C 28 -24.39 -11.72 -23.63
C LYS C 28 -23.46 -10.68 -22.99
N GLU C 29 -22.20 -11.10 -22.92
CA GLU C 29 -21.07 -10.32 -22.42
C GLU C 29 -21.08 -9.93 -20.91
N ARG C 30 -21.86 -10.69 -20.15
CA ARG C 30 -22.04 -10.60 -18.71
C ARG C 30 -21.59 -11.88 -18.08
N LEU C 31 -21.21 -11.83 -16.82
CA LEU C 31 -21.00 -13.03 -16.06
C LEU C 31 -22.36 -13.29 -15.40
N THR C 32 -23.00 -14.41 -15.70
CA THR C 32 -24.31 -14.71 -15.13
C THR C 32 -24.06 -15.66 -13.98
N LEU C 33 -24.36 -15.22 -12.76
CA LEU C 33 -24.20 -16.14 -11.66
C LEU C 33 -25.48 -16.97 -11.48
N THR C 34 -26.69 -16.38 -11.55
CA THR C 34 -27.90 -17.20 -11.52
C THR C 34 -28.86 -16.60 -12.54
N LYS C 35 -29.74 -17.39 -13.14
CA LYS C 35 -30.86 -16.85 -13.91
C LYS C 35 -31.99 -16.71 -12.88
N ALA C 36 -33.16 -16.17 -13.26
CA ALA C 36 -34.25 -16.01 -12.33
C ALA C 36 -34.91 -17.36 -12.31
N VAL C 37 -34.32 -18.25 -11.54
CA VAL C 37 -34.80 -19.61 -11.43
C VAL C 37 -34.49 -20.03 -10.00
N ARG C 38 -35.43 -20.80 -9.44
CA ARG C 38 -35.35 -21.27 -8.08
C ARG C 38 -34.20 -22.18 -7.72
N ASN C 39 -33.72 -22.02 -6.49
CA ASN C 39 -32.76 -22.91 -5.88
C ASN C 39 -31.49 -23.12 -6.67
N THR C 40 -30.75 -22.10 -7.11
CA THR C 40 -29.51 -22.33 -7.87
C THR C 40 -28.38 -21.65 -7.12
N VAL C 41 -27.12 -22.00 -7.39
CA VAL C 41 -25.97 -21.27 -6.88
C VAL C 41 -25.07 -21.14 -8.11
N GLY C 42 -24.36 -20.04 -8.23
CA GLY C 42 -23.40 -19.85 -9.27
C GLY C 42 -22.25 -19.16 -8.61
N ARG C 43 -21.03 -19.54 -8.94
CA ARG C 43 -19.88 -18.85 -8.39
C ARG C 43 -18.87 -18.71 -9.51
N ALA C 44 -17.99 -17.74 -9.43
CA ALA C 44 -16.91 -17.61 -10.38
C ALA C 44 -15.71 -17.06 -9.60
N LEU C 45 -14.54 -17.64 -9.79
CA LEU C 45 -13.35 -17.28 -9.04
C LEU C 45 -12.29 -16.81 -10.00
N TYR C 46 -11.38 -15.89 -9.61
CA TYR C 46 -10.26 -15.59 -10.48
C TYR C 46 -9.38 -16.84 -10.46
N SER C 47 -8.85 -17.32 -11.59
CA SER C 47 -8.05 -18.53 -11.60
C SER C 47 -6.75 -18.42 -10.83
N SER C 48 -6.01 -17.31 -10.80
CA SER C 48 -4.78 -17.26 -10.01
C SER C 48 -5.04 -17.10 -8.52
N PRO C 49 -4.46 -17.92 -7.65
CA PRO C 49 -4.29 -17.58 -6.24
C PRO C 49 -3.67 -16.19 -6.06
N ILE C 50 -4.15 -15.50 -5.02
CA ILE C 50 -3.64 -14.19 -4.60
C ILE C 50 -2.90 -14.32 -3.25
N HIS C 51 -1.73 -13.70 -3.09
CA HIS C 51 -0.94 -13.78 -1.84
C HIS C 51 -1.40 -12.64 -0.99
N ILE C 52 -2.29 -12.95 -0.06
CA ILE C 52 -2.93 -11.95 0.75
C ILE C 52 -2.08 -11.68 1.99
N TRP C 53 -1.26 -12.58 2.54
CA TRP C 53 -0.34 -12.22 3.61
C TRP C 53 0.81 -13.20 3.60
N ASP C 54 1.88 -12.89 4.31
CA ASP C 54 3.04 -13.75 4.30
C ASP C 54 3.46 -14.17 5.69
N SER C 55 3.54 -15.43 6.11
CA SER C 55 3.88 -15.75 7.52
C SER C 55 5.30 -15.45 7.94
N LYS C 56 6.17 -15.42 6.94
CA LYS C 56 7.57 -15.17 7.11
C LYS C 56 7.85 -13.74 7.49
N THR C 57 7.14 -12.76 6.91
CA THR C 57 7.38 -11.37 7.24
C THR C 57 6.33 -10.74 8.16
N GLY C 58 5.15 -11.33 8.07
CA GLY C 58 4.00 -10.78 8.76
C GLY C 58 3.35 -9.71 7.91
N ASN C 59 3.90 -9.30 6.75
CA ASN C 59 3.25 -8.31 5.92
C ASN C 59 1.88 -8.76 5.47
N VAL C 60 0.93 -7.83 5.34
CA VAL C 60 -0.41 -8.14 4.85
C VAL C 60 -0.58 -7.25 3.61
N ALA C 61 -1.37 -7.69 2.62
CA ALA C 61 -1.59 -6.98 1.40
C ALA C 61 -2.75 -6.00 1.46
N ASN C 62 -2.63 -4.99 0.64
CA ASN C 62 -3.77 -4.10 0.38
C ASN C 62 -4.43 -4.63 -0.88
N PHE C 63 -5.72 -4.37 -1.06
CA PHE C 63 -6.31 -4.65 -2.34
C PHE C 63 -7.46 -3.70 -2.62
N VAL C 64 -7.92 -3.56 -3.85
CA VAL C 64 -9.07 -2.74 -4.30
C VAL C 64 -9.75 -3.61 -5.36
N THR C 65 -11.07 -3.72 -5.46
CA THR C 65 -11.76 -4.38 -6.54
C THR C 65 -12.96 -3.47 -6.85
N SER C 66 -13.39 -3.32 -8.09
CA SER C 66 -14.60 -2.58 -8.38
C SER C 66 -15.37 -3.40 -9.38
N PHE C 67 -16.69 -3.43 -9.36
CA PHE C 67 -17.42 -4.22 -10.35
C PHE C 67 -18.80 -3.62 -10.48
N THR C 68 -19.41 -3.80 -11.65
CA THR C 68 -20.78 -3.41 -11.80
C THR C 68 -21.59 -4.67 -11.84
N PHE C 69 -22.71 -4.72 -11.13
CA PHE C 69 -23.53 -5.92 -11.14
C PHE C 69 -24.96 -5.47 -11.29
N VAL C 70 -25.91 -6.38 -11.51
CA VAL C 70 -27.33 -6.07 -11.68
C VAL C 70 -28.05 -7.22 -11.02
N ILE C 71 -29.12 -6.94 -10.29
CA ILE C 71 -30.05 -7.98 -9.88
C ILE C 71 -31.35 -7.59 -10.62
N ASP C 72 -31.99 -8.58 -11.23
CA ASP C 72 -33.19 -8.48 -12.02
C ASP C 72 -34.19 -9.41 -11.38
N ALA C 73 -35.16 -8.90 -10.67
CA ALA C 73 -36.21 -9.74 -10.12
C ALA C 73 -37.48 -9.53 -10.96
N PRO C 74 -38.47 -10.43 -10.92
CA PRO C 74 -39.83 -10.23 -11.48
C PRO C 74 -40.54 -8.94 -11.06
N ASN C 75 -40.37 -8.64 -9.79
CA ASN C 75 -40.99 -7.50 -9.12
C ASN C 75 -40.08 -7.22 -7.94
N SER C 76 -40.21 -6.07 -7.31
CA SER C 76 -39.34 -5.79 -6.17
C SER C 76 -39.86 -6.28 -4.81
N TYR C 77 -40.53 -7.44 -4.72
CA TYR C 77 -41.00 -7.95 -3.45
C TYR C 77 -40.64 -9.40 -3.42
N ASN C 78 -40.66 -10.17 -4.51
CA ASN C 78 -40.25 -11.57 -4.38
C ASN C 78 -38.85 -11.69 -5.01
N VAL C 79 -37.81 -11.29 -4.26
CA VAL C 79 -36.44 -11.33 -4.76
C VAL C 79 -35.53 -12.02 -3.74
N ALA C 80 -34.68 -12.93 -4.20
CA ALA C 80 -33.81 -13.69 -3.32
C ALA C 80 -32.69 -14.33 -4.16
N ASP C 81 -31.55 -14.81 -3.64
CA ASP C 81 -31.11 -14.55 -2.26
C ASP C 81 -30.14 -13.44 -2.02
N GLY C 82 -29.37 -13.13 -3.06
CA GLY C 82 -28.39 -12.05 -2.99
C GLY C 82 -27.11 -12.48 -3.67
N PHE C 83 -26.09 -11.68 -3.47
CA PHE C 83 -24.85 -11.84 -4.20
C PHE C 83 -23.68 -11.59 -3.23
N THR C 84 -22.48 -12.09 -3.49
CA THR C 84 -21.32 -11.96 -2.64
C THR C 84 -20.03 -11.71 -3.44
N PHE C 85 -19.05 -10.94 -2.91
CA PHE C 85 -17.68 -10.95 -3.36
C PHE C 85 -17.02 -11.73 -2.19
N PHE C 86 -16.17 -12.72 -2.36
CA PHE C 86 -15.64 -13.45 -1.24
C PHE C 86 -14.19 -13.75 -1.46
N ILE C 87 -13.52 -14.02 -0.36
CA ILE C 87 -12.10 -14.34 -0.31
C ILE C 87 -12.14 -15.62 0.47
N ALA C 88 -11.53 -16.69 -0.04
CA ALA C 88 -11.63 -17.99 0.56
C ALA C 88 -10.34 -18.76 0.31
N PRO C 89 -10.09 -19.96 0.87
CA PRO C 89 -8.95 -20.80 0.54
C PRO C 89 -8.83 -21.13 -0.95
N VAL C 90 -7.67 -21.51 -1.46
CA VAL C 90 -7.49 -21.78 -2.88
C VAL C 90 -8.44 -22.82 -3.46
N ASP C 91 -8.76 -23.82 -2.65
CA ASP C 91 -9.62 -24.89 -3.07
C ASP C 91 -11.09 -24.73 -2.73
N THR C 92 -11.59 -23.52 -2.49
CA THR C 92 -13.01 -23.31 -2.18
C THR C 92 -13.94 -23.90 -3.25
N LYS C 93 -15.13 -24.29 -2.77
CA LYS C 93 -16.13 -25.01 -3.52
C LYS C 93 -17.46 -24.52 -2.99
N PRO C 94 -18.60 -24.55 -3.71
CA PRO C 94 -19.89 -24.06 -3.25
C PRO C 94 -20.27 -24.67 -1.90
N GLN C 95 -20.73 -23.82 -1.00
CA GLN C 95 -21.21 -24.28 0.29
C GLN C 95 -22.73 -24.23 0.27
N THR C 96 -23.53 -24.03 1.33
CA THR C 96 -24.98 -24.10 1.16
C THR C 96 -25.60 -22.97 0.37
N GLY C 97 -26.65 -23.33 -0.35
CA GLY C 97 -27.35 -22.40 -1.21
C GLY C 97 -28.35 -21.59 -0.41
N GLY C 98 -29.38 -21.09 -1.05
CA GLY C 98 -30.37 -20.29 -0.36
C GLY C 98 -29.75 -19.12 0.40
N GLY C 99 -30.25 -18.84 1.60
CA GLY C 99 -29.79 -17.74 2.41
C GLY C 99 -28.35 -17.80 2.83
N TYR C 100 -27.59 -18.89 2.62
CA TYR C 100 -26.16 -18.94 2.94
C TYR C 100 -25.25 -18.50 1.80
N LEU C 101 -25.90 -18.10 0.72
CA LEU C 101 -25.29 -17.48 -0.42
C LEU C 101 -24.15 -18.30 -1.01
N GLY C 102 -24.15 -19.63 -0.93
CA GLY C 102 -23.15 -20.50 -1.53
C GLY C 102 -21.77 -20.36 -0.91
N VAL C 103 -21.67 -19.64 0.18
CA VAL C 103 -20.38 -19.31 0.75
C VAL C 103 -20.24 -19.71 2.22
N PHE C 104 -21.32 -19.80 3.02
CA PHE C 104 -21.22 -20.19 4.43
C PHE C 104 -22.13 -21.37 4.74
N ASN C 105 -21.97 -22.03 5.89
CA ASN C 105 -22.81 -23.18 6.21
C ASN C 105 -23.42 -23.03 7.60
N SER C 106 -23.11 -21.94 8.33
CA SER C 106 -23.75 -21.72 9.59
C SER C 106 -23.77 -20.25 9.95
N LYS C 107 -24.71 -20.04 10.87
CA LYS C 107 -24.82 -18.75 11.55
C LYS C 107 -23.79 -18.75 12.66
N ASP C 108 -23.32 -19.96 13.02
CA ASP C 108 -22.29 -20.12 14.03
C ASP C 108 -20.95 -19.91 13.37
N TYR C 109 -20.11 -19.16 14.09
CA TYR C 109 -18.75 -18.85 13.69
C TYR C 109 -17.95 -20.13 13.61
N ASP C 110 -17.36 -20.31 12.42
CA ASP C 110 -16.56 -21.46 12.17
C ASP C 110 -15.21 -21.11 11.63
N LYS C 111 -14.21 -21.33 12.47
CA LYS C 111 -12.84 -20.99 12.13
C LYS C 111 -12.32 -21.86 11.02
N THR C 112 -12.95 -22.97 10.62
CA THR C 112 -12.39 -23.77 9.53
C THR C 112 -12.89 -23.30 8.18
N SER C 113 -13.94 -22.50 8.17
CA SER C 113 -14.44 -21.90 6.96
C SER C 113 -13.37 -21.03 6.31
N GLN C 114 -12.65 -20.16 7.04
CA GLN C 114 -11.61 -19.30 6.53
C GLN C 114 -12.04 -18.41 5.36
N THR C 115 -13.29 -17.94 5.32
CA THR C 115 -13.65 -17.04 4.25
C THR C 115 -14.36 -15.82 4.81
N VAL C 116 -14.08 -14.65 4.21
CA VAL C 116 -14.84 -13.47 4.54
C VAL C 116 -15.49 -13.05 3.23
N ALA C 117 -16.71 -12.53 3.30
CA ALA C 117 -17.50 -12.17 2.13
C ALA C 117 -18.16 -10.82 2.38
N VAL C 118 -18.38 -10.02 1.33
CA VAL C 118 -19.19 -8.79 1.38
C VAL C 118 -20.46 -9.17 0.63
N GLU C 119 -21.57 -9.25 1.31
CA GLU C 119 -22.81 -9.71 0.75
C GLU C 119 -23.72 -8.57 0.42
N PHE C 120 -24.64 -8.81 -0.49
CA PHE C 120 -25.61 -7.83 -0.91
C PHE C 120 -26.82 -8.76 -0.80
N ASP C 121 -27.49 -8.64 0.36
CA ASP C 121 -28.50 -9.59 0.76
C ASP C 121 -29.85 -8.99 0.52
N THR C 122 -30.62 -9.74 -0.28
CA THR C 122 -31.90 -9.24 -0.72
C THR C 122 -33.07 -9.88 -0.02
N PHE C 123 -32.86 -10.99 0.68
CA PHE C 123 -33.91 -11.67 1.39
C PHE C 123 -33.57 -11.85 2.88
N TYR C 124 -34.57 -11.52 3.69
CA TYR C 124 -34.50 -11.60 5.14
C TYR C 124 -34.70 -13.02 5.63
N ASN C 125 -33.72 -13.56 6.35
CA ASN C 125 -33.79 -14.92 6.88
C ASN C 125 -33.90 -14.59 8.36
N THR C 126 -35.06 -14.74 9.00
CA THR C 126 -35.32 -14.27 10.36
C THR C 126 -34.25 -14.65 11.36
N ALA C 127 -33.78 -15.89 11.17
CA ALA C 127 -32.78 -16.51 12.00
C ALA C 127 -31.42 -15.86 12.08
N TRP C 128 -30.93 -15.06 11.13
CA TRP C 128 -29.60 -14.49 11.33
C TRP C 128 -29.44 -13.09 10.79
N ASP C 129 -30.41 -12.63 10.01
CA ASP C 129 -30.34 -11.35 9.37
C ASP C 129 -30.82 -10.17 10.20
N PRO C 130 -30.50 -8.91 9.85
CA PRO C 130 -31.00 -7.71 10.53
C PRO C 130 -32.51 -7.73 10.74
N SER C 131 -32.79 -7.56 12.03
CA SER C 131 -34.13 -7.71 12.61
C SER C 131 -35.23 -6.88 12.03
N ASN C 132 -34.80 -5.80 11.39
CA ASN C 132 -35.72 -4.89 10.70
C ASN C 132 -36.16 -5.32 9.30
N GLY C 133 -35.67 -6.49 8.86
CA GLY C 133 -36.07 -7.12 7.62
C GLY C 133 -35.60 -6.42 6.36
N ASP C 134 -34.80 -5.37 6.47
CA ASP C 134 -34.30 -4.67 5.31
C ASP C 134 -33.27 -5.45 4.54
N ARG C 135 -33.11 -5.07 3.27
CA ARG C 135 -32.05 -5.55 2.40
C ARG C 135 -30.82 -4.76 2.88
N HIS C 136 -29.64 -5.35 2.73
CA HIS C 136 -28.48 -4.75 3.36
C HIS C 136 -27.22 -5.29 2.79
N ILE C 137 -26.19 -4.48 2.94
CA ILE C 137 -24.83 -4.84 2.61
C ILE C 137 -24.22 -5.34 3.91
N GLY C 138 -23.41 -6.40 3.98
CA GLY C 138 -22.85 -6.87 5.22
C GLY C 138 -21.46 -7.45 5.02
N ILE C 139 -20.65 -7.46 6.07
CA ILE C 139 -19.33 -8.04 6.01
C ILE C 139 -19.45 -9.29 6.87
N ASP C 140 -19.18 -10.44 6.28
CA ASP C 140 -19.33 -11.73 6.92
C ASP C 140 -17.96 -12.33 7.17
N VAL C 141 -17.60 -12.93 8.34
CA VAL C 141 -16.27 -13.55 8.44
C VAL C 141 -16.61 -14.89 9.09
N ASN C 142 -16.32 -15.99 8.39
CA ASN C 142 -16.63 -17.31 8.91
C ASN C 142 -18.04 -17.66 9.37
N SER C 143 -19.07 -16.87 8.96
CA SER C 143 -20.45 -17.12 9.36
C SER C 143 -21.40 -16.36 8.44
N ILE C 144 -22.67 -16.75 8.30
CA ILE C 144 -23.63 -16.01 7.49
C ILE C 144 -24.23 -14.82 8.26
N LYS C 145 -23.95 -14.80 9.57
CA LYS C 145 -24.29 -13.70 10.45
C LYS C 145 -23.28 -12.58 10.25
N SER C 146 -23.63 -11.43 9.66
CA SER C 146 -22.65 -10.39 9.39
C SER C 146 -22.00 -9.82 10.64
N ILE C 147 -20.77 -9.30 10.63
CA ILE C 147 -20.26 -8.60 11.81
C ILE C 147 -20.84 -7.19 11.80
N ASN C 148 -21.35 -6.70 10.67
CA ASN C 148 -21.87 -5.34 10.54
C ASN C 148 -22.73 -5.34 9.30
N THR C 149 -23.66 -4.41 9.18
CA THR C 149 -24.64 -4.40 8.12
C THR C 149 -24.96 -2.94 7.78
N LYS C 150 -25.50 -2.59 6.62
CA LYS C 150 -25.94 -1.23 6.36
C LYS C 150 -27.16 -1.49 5.52
N SER C 151 -28.34 -0.93 5.83
CA SER C 151 -29.50 -1.14 4.95
C SER C 151 -29.23 -0.55 3.56
N TRP C 152 -29.81 -1.16 2.53
CA TRP C 152 -29.67 -0.73 1.15
C TRP C 152 -31.04 -0.94 0.49
N ALA C 153 -31.49 0.00 -0.33
CA ALA C 153 -32.72 -0.23 -1.10
C ALA C 153 -32.29 -0.62 -2.50
N LEU C 154 -32.75 -1.81 -2.86
CA LEU C 154 -32.47 -2.46 -4.11
C LEU C 154 -33.10 -1.69 -5.24
N GLN C 155 -32.39 -1.30 -6.29
CA GLN C 155 -33.05 -0.71 -7.44
C GLN C 155 -32.99 -1.82 -8.44
N ASN C 156 -34.12 -2.48 -8.52
CA ASN C 156 -34.30 -3.65 -9.37
C ASN C 156 -33.98 -3.39 -10.85
N GLY C 157 -33.10 -4.19 -11.44
CA GLY C 157 -32.63 -4.00 -12.80
C GLY C 157 -31.73 -2.77 -13.01
N LYS C 158 -31.35 -2.02 -11.99
CA LYS C 158 -30.44 -0.91 -12.22
C LYS C 158 -29.01 -1.44 -12.14
N GLU C 159 -28.07 -0.86 -12.88
CA GLU C 159 -26.69 -1.25 -12.80
C GLU C 159 -26.19 -0.66 -11.49
N ALA C 160 -25.45 -1.39 -10.65
CA ALA C 160 -24.86 -0.79 -9.45
C ALA C 160 -23.36 -0.90 -9.53
N ASN C 161 -22.64 0.12 -9.09
CA ASN C 161 -21.19 0.07 -9.11
C ASN C 161 -20.70 -0.09 -7.72
N VAL C 162 -19.81 -1.06 -7.47
CA VAL C 162 -19.23 -1.16 -6.17
C VAL C 162 -17.70 -1.20 -6.16
N VAL C 163 -17.13 -0.64 -5.08
CA VAL C 163 -15.69 -0.60 -4.83
C VAL C 163 -15.56 -1.21 -3.42
N ILE C 164 -14.61 -2.12 -3.24
CA ILE C 164 -14.28 -2.73 -1.97
C ILE C 164 -12.76 -2.53 -1.85
N ALA C 165 -12.20 -2.01 -0.76
CA ALA C 165 -10.77 -1.77 -0.66
C ALA C 165 -10.35 -2.21 0.72
N PHE C 166 -9.18 -2.82 0.86
CA PHE C 166 -8.71 -3.27 2.14
C PHE C 166 -7.39 -2.57 2.29
N ASN C 167 -7.20 -1.92 3.43
CA ASN C 167 -5.94 -1.25 3.72
C ASN C 167 -5.30 -2.03 4.86
N ALA C 168 -4.22 -2.72 4.57
CA ALA C 168 -3.48 -3.50 5.55
C ALA C 168 -2.96 -2.76 6.77
N ALA C 169 -2.45 -1.52 6.66
CA ALA C 169 -1.96 -0.79 7.82
C ALA C 169 -3.02 -0.53 8.86
N THR C 170 -4.25 -0.24 8.50
CA THR C 170 -5.26 0.06 9.47
C THR C 170 -6.22 -1.07 9.58
N ASN C 171 -6.07 -2.15 8.78
CA ASN C 171 -6.96 -3.28 8.72
C ASN C 171 -8.40 -2.93 8.40
N VAL C 172 -8.63 -1.86 7.65
CA VAL C 172 -9.99 -1.42 7.36
C VAL C 172 -10.47 -1.93 5.98
N LEU C 173 -11.69 -2.44 5.95
CA LEU C 173 -12.34 -2.98 4.77
C LEU C 173 -13.46 -1.98 4.52
N THR C 174 -13.44 -1.26 3.41
CA THR C 174 -14.49 -0.33 3.02
C THR C 174 -15.23 -0.82 1.79
N VAL C 175 -16.56 -0.77 1.87
CA VAL C 175 -17.46 -1.19 0.85
C VAL C 175 -18.26 0.04 0.38
N SER C 176 -18.37 0.39 -0.91
CA SER C 176 -19.24 1.47 -1.34
C SER C 176 -20.14 1.00 -2.47
N LEU C 177 -21.45 1.04 -2.43
CA LEU C 177 -22.30 0.74 -3.57
C LEU C 177 -22.87 2.09 -4.09
N THR C 178 -22.88 2.39 -5.39
CA THR C 178 -23.54 3.56 -5.93
C THR C 178 -24.46 3.12 -7.03
N TYR C 179 -25.67 3.68 -7.11
CA TYR C 179 -26.48 3.56 -8.32
C TYR C 179 -26.34 4.89 -9.01
N PRO C 180 -25.85 4.93 -10.26
CA PRO C 180 -25.68 6.16 -11.02
C PRO C 180 -26.96 6.44 -11.85
N THR D 2 -26.99 7.58 -5.40
CA THR D 2 -27.27 7.12 -4.04
C THR D 2 -26.10 6.19 -3.77
N SER D 3 -25.40 6.41 -2.68
CA SER D 3 -24.23 5.63 -2.39
C SER D 3 -24.50 5.09 -1.01
N TYR D 4 -23.81 4.02 -0.68
CA TYR D 4 -23.94 3.31 0.57
C TYR D 4 -22.51 2.88 0.81
N THR D 5 -22.01 3.18 1.98
CA THR D 5 -20.65 2.89 2.34
C THR D 5 -20.74 2.20 3.69
N LEU D 6 -19.89 1.22 3.92
CA LEU D 6 -19.77 0.54 5.18
C LEU D 6 -18.25 0.41 5.34
N ASN D 7 -17.72 0.41 6.55
CA ASN D 7 -16.28 0.34 6.83
C ASN D 7 -16.25 -0.46 8.11
N GLU D 8 -15.21 -1.28 8.29
CA GLU D 8 -15.01 -2.10 9.45
C GLU D 8 -13.55 -2.46 9.52
N VAL D 9 -13.10 -2.97 10.65
CA VAL D 9 -11.72 -3.37 10.87
C VAL D 9 -11.84 -4.88 10.79
N VAL D 10 -11.09 -5.50 9.88
CA VAL D 10 -11.17 -6.93 9.69
C VAL D 10 -9.72 -7.32 9.55
N PRO D 11 -9.02 -7.77 10.58
CA PRO D 11 -7.63 -8.18 10.52
C PRO D 11 -7.56 -9.46 9.72
N LEU D 12 -7.50 -9.30 8.38
CA LEU D 12 -7.53 -10.42 7.45
C LEU D 12 -6.59 -11.56 7.73
N LYS D 13 -5.38 -11.28 8.16
CA LYS D 13 -4.43 -12.30 8.53
C LYS D 13 -4.93 -13.31 9.58
N GLU D 14 -5.99 -12.98 10.35
CA GLU D 14 -6.52 -13.86 11.37
C GLU D 14 -7.53 -14.83 10.82
N PHE D 15 -8.11 -14.49 9.68
CA PHE D 15 -9.22 -15.27 9.21
C PHE D 15 -8.94 -16.05 7.96
N VAL D 16 -8.05 -15.65 7.06
CA VAL D 16 -7.92 -16.34 5.78
C VAL D 16 -6.52 -16.89 5.64
N PRO D 17 -6.19 -17.91 4.83
CA PRO D 17 -4.85 -18.36 4.56
C PRO D 17 -4.02 -17.31 3.88
N GLU D 18 -2.75 -17.59 3.79
CA GLU D 18 -1.79 -16.77 3.13
C GLU D 18 -2.11 -16.68 1.64
N TRP D 19 -2.49 -17.77 0.96
CA TRP D 19 -2.90 -17.75 -0.44
C TRP D 19 -4.39 -17.99 -0.50
N VAL D 20 -5.16 -17.19 -1.26
CA VAL D 20 -6.61 -17.32 -1.27
C VAL D 20 -7.07 -17.22 -2.73
N ARG D 21 -8.33 -17.53 -3.07
CA ARG D 21 -8.86 -17.21 -4.37
C ARG D 21 -10.01 -16.27 -4.06
N ILE D 22 -10.38 -15.40 -5.02
CA ILE D 22 -11.39 -14.37 -4.82
C ILE D 22 -12.45 -14.63 -5.85
N GLY D 23 -13.67 -14.23 -5.62
CA GLY D 23 -14.65 -14.38 -6.66
C GLY D 23 -16.00 -13.94 -6.21
N PHE D 24 -17.04 -14.41 -6.88
CA PHE D 24 -18.39 -13.97 -6.63
C PHE D 24 -19.23 -15.21 -6.41
N SER D 25 -20.33 -15.02 -5.72
CA SER D 25 -21.24 -16.05 -5.45
C SER D 25 -22.63 -15.45 -5.51
N ALA D 26 -23.64 -16.19 -5.96
CA ALA D 26 -25.02 -15.69 -5.88
C ALA D 26 -25.88 -16.92 -5.86
N THR D 27 -27.01 -16.83 -5.16
CA THR D 27 -27.90 -17.95 -5.00
C THR D 27 -29.34 -17.50 -5.07
N THR D 28 -30.21 -18.49 -5.26
CA THR D 28 -31.66 -18.31 -5.16
C THR D 28 -32.18 -19.43 -4.27
N GLY D 29 -33.43 -19.35 -3.79
CA GLY D 29 -33.96 -20.36 -2.92
C GLY D 29 -35.38 -20.57 -3.36
N ALA D 30 -36.36 -20.33 -2.53
CA ALA D 30 -37.72 -20.45 -2.99
C ALA D 30 -38.09 -19.20 -3.78
N GLU D 31 -37.52 -18.03 -3.44
CA GLU D 31 -37.73 -16.82 -4.21
C GLU D 31 -36.45 -16.67 -5.03
N PHE D 32 -36.41 -15.83 -6.08
CA PHE D 32 -35.27 -15.83 -6.97
C PHE D 32 -35.10 -14.52 -7.69
N ALA D 33 -33.97 -14.35 -8.41
CA ALA D 33 -33.64 -13.14 -9.16
C ALA D 33 -32.44 -13.49 -10.02
N ALA D 34 -32.23 -12.83 -11.16
CA ALA D 34 -31.05 -13.08 -12.00
C ALA D 34 -29.96 -12.22 -11.39
N HIS D 35 -28.75 -12.72 -11.29
CA HIS D 35 -27.65 -12.03 -10.68
C HIS D 35 -26.53 -11.96 -11.69
N GLU D 36 -26.06 -10.79 -12.11
CA GLU D 36 -25.05 -10.70 -13.17
C GLU D 36 -23.99 -9.67 -12.92
N VAL D 37 -22.75 -9.91 -13.37
CA VAL D 37 -21.68 -8.96 -13.19
C VAL D 37 -21.29 -8.50 -14.59
N LEU D 38 -21.13 -7.19 -14.76
CA LEU D 38 -20.88 -6.62 -16.07
C LEU D 38 -19.41 -6.29 -16.28
N SER D 39 -18.63 -6.00 -15.24
CA SER D 39 -17.18 -5.71 -15.35
C SER D 39 -16.52 -5.97 -14.00
N TRP D 40 -15.22 -6.16 -13.96
CA TRP D 40 -14.49 -6.47 -12.75
C TRP D 40 -13.03 -6.08 -12.92
N TYR D 41 -12.48 -5.35 -11.94
CA TYR D 41 -11.12 -4.86 -11.87
C TYR D 41 -10.62 -5.29 -10.51
N PHE D 42 -9.40 -5.79 -10.43
CA PHE D 42 -8.88 -6.13 -9.13
C PHE D 42 -7.42 -5.76 -9.16
N HIS D 43 -6.88 -5.31 -8.01
CA HIS D 43 -5.45 -5.06 -7.84
C HIS D 43 -5.08 -5.43 -6.40
N SER D 44 -4.05 -6.24 -6.14
CA SER D 44 -3.55 -6.39 -4.79
C SER D 44 -2.05 -6.16 -4.76
N GLU D 45 -1.43 -5.75 -3.65
CA GLU D 45 0.01 -5.59 -3.56
C GLU D 45 0.45 -6.02 -2.19
N LEU D 46 1.54 -6.75 -2.08
CA LEU D 46 1.99 -7.28 -0.82
C LEU D 46 3.46 -6.98 -0.80
N ALA D 47 3.85 -6.22 0.22
CA ALA D 47 5.23 -5.85 0.32
C ALA D 47 6.01 -7.01 0.90
N GLY D 48 7.24 -7.09 0.46
CA GLY D 48 8.10 -8.12 0.96
C GLY D 48 9.50 -7.72 0.50
N THR E 1 -12.89 17.22 15.43
CA THR E 1 -11.77 16.31 15.31
C THR E 1 -10.44 16.81 14.77
N GLU E 2 -9.46 16.22 15.43
CA GLU E 2 -8.06 16.35 15.16
C GLU E 2 -7.55 15.00 15.60
N THR E 3 -6.70 14.42 14.78
CA THR E 3 -6.18 13.08 14.94
C THR E 3 -4.69 13.20 14.56
N THR E 4 -3.77 12.48 15.19
CA THR E 4 -2.37 12.43 14.79
C THR E 4 -2.10 10.94 14.98
N SER E 5 -1.51 10.25 14.00
CA SER E 5 -1.05 8.89 14.14
C SER E 5 0.27 8.74 13.41
N PHE E 6 1.07 7.77 13.86
CA PHE E 6 2.28 7.39 13.17
C PHE E 6 2.70 6.02 13.67
N SER E 7 3.54 5.33 12.93
CA SER E 7 4.08 4.07 13.38
C SER E 7 5.46 3.96 12.78
N ILE E 8 6.44 3.44 13.52
CA ILE E 8 7.79 3.26 13.04
C ILE E 8 8.05 1.85 13.58
N THR E 9 8.05 0.89 12.66
CA THR E 9 8.27 -0.52 12.94
C THR E 9 9.74 -0.82 13.02
N LYS E 10 10.59 0.03 12.49
CA LYS E 10 11.99 -0.22 12.46
C LYS E 10 12.57 1.14 12.23
N PHE E 11 13.51 1.54 13.05
CA PHE E 11 14.07 2.87 12.96
C PHE E 11 15.16 2.86 11.96
N GLY E 12 15.40 3.90 11.21
CA GLY E 12 16.42 3.83 10.19
C GLY E 12 17.44 4.88 10.51
N PRO E 13 18.58 4.95 9.87
CA PRO E 13 19.62 5.93 10.11
C PRO E 13 19.26 7.40 9.91
N ASP E 14 18.40 7.92 9.02
CA ASP E 14 18.07 9.33 9.20
C ASP E 14 16.57 9.40 9.32
N GLN E 15 16.17 9.42 10.59
CA GLN E 15 14.78 9.38 10.93
C GLN E 15 14.40 10.81 11.20
N GLN E 16 14.08 11.52 10.14
CA GLN E 16 13.78 12.94 10.19
C GLN E 16 12.54 13.36 10.88
N ASN E 17 11.56 12.50 11.10
CA ASN E 17 10.38 12.89 11.81
C ASN E 17 10.55 12.73 13.31
N LEU E 18 11.74 12.53 13.81
CA LEU E 18 12.04 12.51 15.24
C LEU E 18 13.03 13.65 15.58
N ILE E 19 12.98 14.23 16.76
CA ILE E 19 13.87 15.24 17.26
C ILE E 19 14.73 14.54 18.29
N PHE E 20 16.04 14.56 18.16
CA PHE E 20 16.95 13.86 19.05
C PHE E 20 17.48 14.78 20.10
N GLN E 21 17.59 14.48 21.39
CA GLN E 21 18.19 15.40 22.35
C GLN E 21 19.19 14.62 23.18
N GLY E 22 20.22 15.23 23.76
CA GLY E 22 21.22 14.48 24.47
C GLY E 22 21.94 13.53 23.50
N ASP E 23 22.26 12.32 23.96
CA ASP E 23 22.98 11.38 23.15
C ASP E 23 22.03 10.54 22.36
N GLY E 24 20.73 10.81 22.23
CA GLY E 24 19.85 9.93 21.47
C GLY E 24 20.24 9.85 19.99
N TYR E 25 20.30 8.66 19.42
CA TYR E 25 20.52 8.52 17.99
C TYR E 25 19.86 7.27 17.51
N THR E 26 19.87 7.07 16.22
CA THR E 26 19.21 5.95 15.63
C THR E 26 20.31 5.16 14.97
N THR E 27 20.16 3.86 14.89
CA THR E 27 21.20 3.01 14.33
C THR E 27 21.05 2.40 12.92
N LYS E 28 19.98 1.65 12.75
CA LYS E 28 19.73 0.71 11.64
C LYS E 28 18.85 -0.18 12.53
N GLU E 29 17.57 -0.12 12.21
CA GLU E 29 16.51 -0.75 12.95
C GLU E 29 16.22 -0.25 14.36
N ARG E 30 17.14 0.36 15.15
CA ARG E 30 16.84 0.72 16.56
C ARG E 30 16.99 2.17 16.93
N LEU E 31 16.23 2.69 17.89
CA LEU E 31 16.41 4.02 18.41
C LEU E 31 17.25 3.83 19.67
N THR E 32 18.49 4.27 19.83
CA THR E 32 19.14 4.12 21.12
C THR E 32 19.19 5.47 21.83
N LEU E 33 18.72 5.45 23.05
CA LEU E 33 18.65 6.65 23.84
C LEU E 33 19.93 6.72 24.65
N THR E 34 20.46 5.57 25.08
CA THR E 34 21.67 5.51 25.87
C THR E 34 22.41 4.21 25.54
N LYS E 35 23.72 4.32 25.40
CA LYS E 35 24.65 3.19 25.36
C LYS E 35 24.98 2.98 26.84
N ALA E 36 25.43 1.79 27.28
CA ALA E 36 25.75 1.58 28.70
C ALA E 36 27.06 2.29 28.99
N VAL E 37 26.91 3.57 29.28
CA VAL E 37 27.97 4.51 29.55
C VAL E 37 27.42 5.25 30.75
N ARG E 38 28.38 5.74 31.51
CA ARG E 38 28.15 6.46 32.76
C ARG E 38 27.74 7.89 32.46
N ASN E 39 26.82 8.39 33.27
CA ASN E 39 26.26 9.72 33.17
C ASN E 39 25.76 10.25 31.82
N THR E 40 24.86 9.55 31.10
CA THR E 40 24.35 10.09 29.86
C THR E 40 22.84 10.25 29.92
N VAL E 41 22.35 11.07 28.99
CA VAL E 41 20.94 11.39 28.81
C VAL E 41 20.77 11.30 27.31
N GLY E 42 19.71 10.71 26.84
CA GLY E 42 19.42 10.67 25.42
C GLY E 42 17.91 10.85 25.41
N ARG E 43 17.29 11.63 24.51
CA ARG E 43 15.84 11.75 24.48
C ARG E 43 15.47 11.83 23.01
N ALA E 44 14.23 11.55 22.62
CA ALA E 44 13.83 11.57 21.23
C ALA E 44 12.35 11.82 21.30
N LEU E 45 11.94 12.82 20.50
CA LEU E 45 10.57 13.30 20.49
C LEU E 45 9.96 13.17 19.12
N TYR E 46 8.67 12.97 18.97
CA TYR E 46 8.07 12.96 17.65
C TYR E 46 8.02 14.44 17.20
N SER E 47 8.41 14.72 15.96
CA SER E 47 8.45 16.08 15.46
C SER E 47 7.14 16.81 15.46
N SER E 48 5.96 16.27 15.22
CA SER E 48 4.78 17.13 15.29
C SER E 48 4.25 17.35 16.71
N PRO E 49 3.93 18.59 17.15
CA PRO E 49 3.08 18.84 18.33
C PRO E 49 1.80 18.03 18.26
N ILE E 50 1.26 17.58 19.38
CA ILE E 50 -0.01 16.92 19.25
C ILE E 50 -0.98 17.70 20.11
N HIS E 51 -2.23 17.73 19.68
CA HIS E 51 -3.24 18.50 20.36
C HIS E 51 -3.89 17.61 21.41
N ILE E 52 -3.52 17.73 22.68
CA ILE E 52 -4.02 16.80 23.68
C ILE E 52 -5.28 17.31 24.33
N TRP E 53 -5.60 18.57 24.40
CA TRP E 53 -6.89 18.99 24.89
C TRP E 53 -7.08 20.36 24.28
N ASP E 54 -8.30 20.86 24.37
CA ASP E 54 -8.63 22.16 23.82
C ASP E 54 -9.31 23.05 24.84
N SER E 55 -8.79 24.23 25.09
CA SER E 55 -9.35 25.14 26.07
C SER E 55 -10.72 25.66 25.72
N LYS E 56 -11.04 25.78 24.45
CA LYS E 56 -12.30 26.35 24.10
C LYS E 56 -13.47 25.38 24.24
N THR E 57 -13.27 24.07 24.37
CA THR E 57 -14.37 23.13 24.54
C THR E 57 -14.24 22.33 25.82
N GLY E 58 -13.00 22.19 26.26
CA GLY E 58 -12.69 21.40 27.43
C GLY E 58 -12.51 19.94 27.06
N ASN E 59 -12.64 19.56 25.80
CA ASN E 59 -12.40 18.19 25.37
C ASN E 59 -10.94 17.81 25.51
N VAL E 60 -10.65 16.58 25.89
CA VAL E 60 -9.27 16.12 25.95
C VAL E 60 -9.27 14.87 25.10
N ALA E 61 -8.14 14.61 24.47
CA ALA E 61 -7.99 13.49 23.55
C ALA E 61 -7.96 12.13 24.22
N ASN E 62 -8.30 11.15 23.46
CA ASN E 62 -8.04 9.79 23.85
C ASN E 62 -6.74 9.43 23.15
N PHE E 63 -5.82 8.62 23.66
CA PHE E 63 -4.67 8.24 22.86
C PHE E 63 -4.22 6.88 23.38
N VAL E 64 -3.46 6.20 22.53
CA VAL E 64 -2.86 4.92 22.84
C VAL E 64 -1.48 4.99 22.18
N THR E 65 -0.47 4.38 22.75
CA THR E 65 0.81 4.29 22.15
C THR E 65 1.35 2.94 22.60
N SER E 66 2.11 2.28 21.73
CA SER E 66 2.77 1.06 22.12
C SER E 66 4.16 1.09 21.53
N PHE E 67 5.08 0.43 22.18
CA PHE E 67 6.47 0.45 21.79
C PHE E 67 7.11 -0.80 22.36
N THR E 68 8.22 -1.26 21.79
CA THR E 68 8.91 -2.40 22.37
C THR E 68 10.24 -1.82 22.72
N PHE E 69 10.76 -2.14 23.89
CA PHE E 69 12.09 -1.64 24.23
C PHE E 69 12.96 -2.73 24.90
N VAL E 70 14.26 -2.50 25.04
CA VAL E 70 15.22 -3.39 25.63
C VAL E 70 16.03 -2.53 26.58
N ILE E 71 16.34 -3.02 27.78
CA ILE E 71 17.32 -2.41 28.67
C ILE E 71 18.38 -3.51 28.71
N ASP E 72 19.63 -3.12 28.62
CA ASP E 72 20.65 -4.12 28.51
C ASP E 72 21.80 -3.61 29.37
N ALA E 73 21.91 -4.14 30.59
CA ALA E 73 22.93 -3.73 31.56
C ALA E 73 24.07 -4.75 31.62
N PRO E 74 25.33 -4.41 31.96
CA PRO E 74 26.43 -5.37 32.11
C PRO E 74 26.12 -6.54 33.04
N ASN E 75 25.09 -6.44 33.90
CA ASN E 75 24.60 -7.53 34.75
C ASN E 75 23.36 -6.99 35.43
N SER E 76 22.53 -7.83 36.06
CA SER E 76 21.30 -7.39 36.70
C SER E 76 21.44 -6.85 38.13
N TYR E 77 22.66 -6.61 38.61
CA TYR E 77 22.79 -6.07 39.96
C TYR E 77 23.18 -4.59 39.84
N ASN E 78 23.94 -4.22 38.80
CA ASN E 78 24.43 -2.86 38.61
C ASN E 78 23.67 -2.25 37.45
N VAL E 79 22.43 -1.78 37.64
CA VAL E 79 21.59 -1.29 36.52
C VAL E 79 21.07 0.10 36.89
N ALA E 80 21.23 1.09 36.02
CA ALA E 80 20.62 2.37 36.25
C ALA E 80 20.50 3.08 34.92
N ASP E 81 19.71 4.15 34.74
CA ASP E 81 18.66 4.59 35.66
C ASP E 81 17.20 4.29 35.34
N GLY E 82 16.98 4.01 34.05
CA GLY E 82 15.62 3.78 33.63
C GLY E 82 15.29 4.55 32.36
N PHE E 83 14.04 4.54 31.99
CA PHE E 83 13.61 4.99 30.69
C PHE E 83 12.22 5.51 31.00
N THR E 84 11.72 6.44 30.20
CA THR E 84 10.48 7.13 30.38
C THR E 84 9.70 7.30 29.05
N PHE E 85 8.38 7.20 28.99
CA PHE E 85 7.65 7.78 27.85
C PHE E 85 7.06 9.05 28.48
N PHE E 86 7.17 10.21 27.86
CA PHE E 86 6.63 11.38 28.47
C PHE E 86 5.90 12.30 27.48
N ILE E 87 5.10 13.19 28.11
CA ILE E 87 4.28 14.19 27.46
C ILE E 87 4.75 15.52 28.08
N ALA E 88 5.15 16.51 27.27
CA ALA E 88 5.72 17.73 27.85
C ALA E 88 5.39 18.92 26.95
N PRO E 89 5.63 20.19 27.29
CA PRO E 89 5.51 21.34 26.39
C PRO E 89 6.23 21.12 25.09
N VAL E 90 5.76 21.77 24.02
CA VAL E 90 6.31 21.59 22.69
C VAL E 90 7.78 21.84 22.58
N ASP E 91 8.29 22.74 23.40
CA ASP E 91 9.68 23.11 23.34
C ASP E 91 10.53 22.51 24.44
N THR E 92 10.09 21.41 25.03
CA THR E 92 10.83 20.71 26.07
C THR E 92 12.30 20.41 25.77
N LYS E 93 13.21 20.74 26.69
CA LYS E 93 14.62 20.45 26.52
C LYS E 93 15.00 19.45 27.64
N PRO E 94 16.10 18.69 27.64
CA PRO E 94 16.41 17.71 28.70
C PRO E 94 16.56 18.36 30.06
N GLN E 95 15.97 17.75 31.08
CA GLN E 95 16.14 18.23 32.42
C GLN E 95 17.28 17.46 33.09
N THR E 96 17.24 17.29 34.42
CA THR E 96 18.35 16.64 35.11
C THR E 96 18.49 15.13 34.81
N GLY E 97 19.72 14.66 34.74
CA GLY E 97 20.01 13.28 34.49
C GLY E 97 19.93 12.45 35.77
N GLY E 98 20.66 11.34 35.68
CA GLY E 98 20.73 10.36 36.77
C GLY E 98 19.34 9.87 37.11
N GLY E 99 19.01 9.94 38.40
CA GLY E 99 17.75 9.43 38.86
C GLY E 99 16.59 10.29 38.50
N TYR E 100 16.82 11.47 37.93
CA TYR E 100 15.73 12.35 37.52
C TYR E 100 15.18 12.06 36.11
N LEU E 101 15.88 11.12 35.42
CA LEU E 101 15.53 10.53 34.13
C LEU E 101 15.43 11.46 32.94
N GLY E 102 15.99 12.68 33.07
CA GLY E 102 16.08 13.64 32.01
C GLY E 102 14.77 14.35 31.87
N VAL E 103 13.85 14.21 32.80
CA VAL E 103 12.52 14.71 32.57
C VAL E 103 12.10 15.55 33.76
N PHE E 104 12.65 15.36 34.96
CA PHE E 104 12.23 16.18 36.06
C PHE E 104 13.41 16.81 36.73
N ASN E 105 13.19 17.68 37.71
CA ASN E 105 14.34 18.29 38.39
C ASN E 105 14.27 18.17 39.90
N SER E 106 13.14 17.81 40.52
CA SER E 106 13.12 17.59 41.96
C SER E 106 12.09 16.53 42.36
N LYS E 107 12.17 16.08 43.62
CA LYS E 107 11.17 15.18 44.14
C LYS E 107 9.92 15.98 44.46
N ASP E 108 9.99 17.31 44.52
CA ASP E 108 8.84 18.10 44.90
C ASP E 108 8.03 18.44 43.67
N TYR E 109 6.74 18.58 43.90
CA TYR E 109 5.76 18.88 42.89
C TYR E 109 6.06 20.24 42.33
N ASP E 110 6.46 20.32 41.08
CA ASP E 110 6.72 21.60 40.48
C ASP E 110 5.61 21.91 39.49
N LYS E 111 4.59 22.72 39.77
CA LYS E 111 3.55 22.97 38.75
C LYS E 111 4.09 23.52 37.43
N THR E 112 5.30 24.06 37.38
CA THR E 112 5.76 24.64 36.15
C THR E 112 6.36 23.63 35.23
N SER E 113 6.45 22.41 35.73
CA SER E 113 6.94 21.29 34.97
C SER E 113 6.05 20.98 33.76
N GLN E 114 4.74 20.84 33.92
CA GLN E 114 3.82 20.43 32.85
C GLN E 114 4.26 19.21 32.03
N THR E 115 4.85 18.24 32.75
CA THR E 115 5.34 16.98 32.25
C THR E 115 4.67 15.86 33.06
N VAL E 116 4.11 14.87 32.36
CA VAL E 116 3.64 13.64 32.97
C VAL E 116 4.47 12.59 32.22
N ALA E 117 5.11 11.69 32.98
CA ALA E 117 5.92 10.63 32.42
C ALA E 117 5.49 9.27 32.96
N VAL E 118 5.65 8.19 32.18
CA VAL E 118 5.41 6.83 32.62
C VAL E 118 6.84 6.32 32.67
N GLU E 119 7.33 5.89 33.82
CA GLU E 119 8.73 5.51 33.98
C GLU E 119 8.87 4.05 34.23
N PHE E 120 10.02 3.57 33.86
CA PHE E 120 10.45 2.19 33.98
C PHE E 120 11.78 2.43 34.66
N ASP E 121 11.73 2.41 35.98
CA ASP E 121 12.82 2.75 36.83
C ASP E 121 13.59 1.53 37.32
N THR E 122 14.87 1.43 36.96
CA THR E 122 15.71 0.33 37.32
C THR E 122 16.70 0.57 38.46
N PHE E 123 16.72 1.76 39.10
CA PHE E 123 17.65 2.06 40.20
C PHE E 123 16.93 2.78 41.32
N TYR E 124 17.19 2.24 42.52
CA TYR E 124 16.60 2.70 43.78
C TYR E 124 17.31 3.95 44.26
N ASN E 125 16.55 5.04 44.43
CA ASN E 125 17.15 6.30 44.81
C ASN E 125 16.32 6.47 46.07
N THR E 126 17.00 6.28 47.21
CA THR E 126 16.35 6.23 48.51
C THR E 126 15.53 7.49 48.77
N ALA E 127 16.01 8.60 48.20
CA ALA E 127 15.34 9.86 48.37
C ALA E 127 13.90 9.90 47.86
N TRP E 128 13.49 9.14 46.83
CA TRP E 128 12.09 9.26 46.41
C TRP E 128 11.46 7.97 45.98
N ASP E 129 12.29 6.98 45.64
CA ASP E 129 11.78 5.72 45.13
C ASP E 129 11.11 4.85 46.20
N PRO E 130 10.15 3.96 45.84
CA PRO E 130 9.46 3.08 46.77
C PRO E 130 10.47 2.40 47.71
N SER E 131 10.14 2.46 49.01
CA SER E 131 10.99 1.91 50.06
C SER E 131 11.39 0.43 50.00
N ASN E 132 10.57 -0.45 49.43
CA ASN E 132 11.00 -1.84 49.25
C ASN E 132 12.23 -2.04 48.35
N GLY E 133 12.75 -0.97 47.72
CA GLY E 133 13.94 -1.07 46.87
C GLY E 133 13.72 -1.71 45.50
N ASP E 134 12.48 -2.02 45.13
CA ASP E 134 12.15 -2.68 43.89
C ASP E 134 12.29 -1.82 42.66
N ARG E 135 12.64 -2.43 41.52
CA ARG E 135 12.57 -1.85 40.20
C ARG E 135 11.08 -1.74 39.90
N HIS E 136 10.62 -0.79 39.09
CA HIS E 136 9.19 -0.53 39.07
C HIS E 136 8.81 0.39 37.94
N ILE E 137 7.50 0.37 37.71
CA ILE E 137 6.86 1.17 36.70
C ILE E 137 6.17 2.22 37.53
N GLY E 138 6.25 3.49 37.14
CA GLY E 138 5.60 4.55 37.90
C GLY E 138 4.93 5.53 36.99
N ILE E 139 3.89 6.17 37.46
CA ILE E 139 3.27 7.27 36.74
C ILE E 139 3.69 8.57 37.48
N ASP E 140 4.52 9.41 36.84
CA ASP E 140 5.02 10.68 37.37
C ASP E 140 4.27 11.90 36.88
N VAL E 141 3.82 12.79 37.74
CA VAL E 141 3.22 14.03 37.32
C VAL E 141 3.80 15.19 38.13
N ASN E 142 4.59 15.95 37.36
CA ASN E 142 5.29 17.17 37.78
C ASN E 142 6.33 16.94 38.87
N SER E 143 6.84 15.72 38.97
CA SER E 143 7.80 15.30 39.98
C SER E 143 8.36 13.92 39.66
N ILE E 144 9.57 13.64 40.10
CA ILE E 144 10.11 12.30 39.93
C ILE E 144 9.57 11.27 40.97
N LYS E 145 8.75 11.74 41.89
CA LYS E 145 8.22 10.85 42.90
C LYS E 145 6.86 10.47 42.35
N SER E 146 6.76 9.26 41.80
CA SER E 146 5.54 8.75 41.20
C SER E 146 4.28 8.89 42.02
N ILE E 147 3.13 9.13 41.42
CA ILE E 147 1.90 9.07 42.19
C ILE E 147 1.47 7.63 42.43
N ASN E 148 1.95 6.67 41.64
CA ASN E 148 1.57 5.26 41.77
C ASN E 148 2.71 4.50 41.14
N THR E 149 3.08 3.35 41.70
CA THR E 149 4.09 2.46 41.18
C THR E 149 3.56 1.02 41.26
N LYS E 150 4.24 0.10 40.56
CA LYS E 150 3.96 -1.33 40.53
C LYS E 150 5.35 -1.91 40.30
N SER E 151 5.77 -2.93 41.07
CA SER E 151 7.10 -3.55 40.98
C SER E 151 7.25 -4.31 39.67
N TRP E 152 8.43 -4.32 39.09
CA TRP E 152 8.60 -5.01 37.86
C TRP E 152 9.90 -5.74 37.95
N ALA E 153 10.03 -6.97 37.49
CA ALA E 153 11.32 -7.64 37.47
C ALA E 153 11.86 -7.52 36.05
N LEU E 154 13.02 -6.90 35.96
CA LEU E 154 13.63 -6.55 34.71
C LEU E 154 14.08 -7.85 34.09
N GLN E 155 13.83 -8.17 32.83
CA GLN E 155 14.51 -9.30 32.26
C GLN E 155 15.61 -8.63 31.48
N ASN E 156 16.81 -8.61 32.01
CA ASN E 156 17.91 -7.93 31.36
C ASN E 156 18.13 -8.49 29.98
N GLY E 157 18.36 -7.60 29.03
CA GLY E 157 18.56 -7.97 27.63
C GLY E 157 17.31 -8.35 26.86
N LYS E 158 16.12 -8.53 27.39
CA LYS E 158 14.97 -8.98 26.65
C LYS E 158 14.06 -7.86 26.22
N GLU E 159 13.37 -8.00 25.08
CA GLU E 159 12.43 -6.97 24.72
C GLU E 159 11.10 -7.04 25.43
N ALA E 160 10.58 -5.90 25.84
CA ALA E 160 9.35 -5.75 26.59
C ALA E 160 8.43 -4.95 25.70
N ASN E 161 7.16 -5.27 25.57
CA ASN E 161 6.22 -4.55 24.75
C ASN E 161 5.38 -3.78 25.69
N VAL E 162 5.14 -2.49 25.46
CA VAL E 162 4.36 -1.67 26.39
C VAL E 162 3.16 -1.07 25.68
N VAL E 163 2.00 -0.96 26.33
CA VAL E 163 0.89 -0.23 25.74
C VAL E 163 0.54 0.78 26.83
N ILE E 164 0.35 2.08 26.46
CA ILE E 164 -0.09 3.09 27.40
C ILE E 164 -1.34 3.66 26.76
N ALA E 165 -2.41 3.74 27.51
CA ALA E 165 -3.66 4.16 26.93
C ALA E 165 -4.26 5.22 27.82
N PHE E 166 -4.94 6.20 27.23
CA PHE E 166 -5.59 7.21 28.00
C PHE E 166 -7.01 7.25 27.47
N ASN E 167 -7.97 7.12 28.36
CA ASN E 167 -9.36 7.23 28.02
C ASN E 167 -9.82 8.54 28.59
N ALA E 168 -10.17 9.52 27.77
CA ALA E 168 -10.57 10.83 28.25
C ALA E 168 -11.88 10.86 29.00
N ALA E 169 -12.76 9.93 28.70
CA ALA E 169 -14.05 9.90 29.39
C ALA E 169 -13.84 9.63 30.89
N THR E 170 -12.84 8.82 31.33
CA THR E 170 -12.67 8.59 32.76
C THR E 170 -11.40 9.17 33.39
N ASN E 171 -10.55 9.61 32.48
CA ASN E 171 -9.19 10.08 32.74
C ASN E 171 -8.33 8.96 33.30
N VAL E 172 -8.55 7.70 32.87
CA VAL E 172 -7.71 6.63 33.38
C VAL E 172 -6.59 6.45 32.35
N LEU E 173 -5.38 6.52 32.88
CA LEU E 173 -4.19 6.20 32.14
C LEU E 173 -3.89 4.79 32.59
N THR E 174 -3.66 3.89 31.64
CA THR E 174 -3.37 2.52 31.90
C THR E 174 -2.00 2.18 31.30
N VAL E 175 -1.12 1.41 31.94
CA VAL E 175 0.11 0.98 31.32
C VAL E 175 0.27 -0.52 31.53
N SER E 176 0.67 -1.27 30.50
CA SER E 176 1.01 -2.65 30.74
C SER E 176 2.28 -2.90 30.01
N LEU E 177 3.14 -3.75 30.55
CA LEU E 177 4.40 -4.14 29.98
C LEU E 177 4.26 -5.67 30.01
N THR E 178 4.68 -6.32 28.92
CA THR E 178 4.61 -7.74 28.75
C THR E 178 5.95 -8.23 28.24
N TYR E 179 6.39 -9.34 28.82
CA TYR E 179 7.50 -10.10 28.26
C TYR E 179 6.78 -11.36 27.77
N PRO E 180 7.13 -11.96 26.64
CA PRO E 180 6.56 -13.22 26.12
C PRO E 180 6.55 -14.52 26.98
N GLU F 1 2.97 -15.51 29.65
CA GLU F 1 3.46 -14.20 29.24
C GLU F 1 3.68 -13.57 30.59
N THR F 2 4.71 -12.77 30.87
CA THR F 2 4.85 -12.10 32.18
C THR F 2 4.29 -10.69 31.97
N SER F 3 3.31 -10.15 32.69
CA SER F 3 2.91 -8.80 32.39
C SER F 3 2.69 -8.06 33.65
N TYR F 4 2.80 -6.73 33.65
CA TYR F 4 2.58 -5.89 34.83
C TYR F 4 1.61 -4.84 34.34
N THR F 5 0.61 -4.43 35.10
CA THR F 5 -0.30 -3.38 34.67
C THR F 5 -0.34 -2.34 35.78
N LEU F 6 -0.57 -1.08 35.44
CA LEU F 6 -0.75 -0.02 36.40
C LEU F 6 -1.88 0.81 35.81
N ASN F 7 -2.68 1.39 36.66
CA ASN F 7 -3.82 2.19 36.30
C ASN F 7 -3.95 3.35 37.25
N GLU F 8 -4.28 4.55 36.76
CA GLU F 8 -4.38 5.71 37.57
C GLU F 8 -5.25 6.76 36.88
N VAL F 9 -6.03 7.53 37.66
CA VAL F 9 -6.83 8.61 37.11
C VAL F 9 -5.90 9.80 37.02
N VAL F 10 -5.53 10.29 35.83
CA VAL F 10 -4.66 11.44 35.77
C VAL F 10 -5.44 12.46 34.94
N PRO F 11 -6.00 13.58 35.44
CA PRO F 11 -6.78 14.54 34.66
C PRO F 11 -5.79 15.39 33.86
N LEU F 12 -5.32 14.88 32.73
CA LEU F 12 -4.28 15.49 31.91
C LEU F 12 -4.45 16.97 31.66
N LYS F 13 -5.64 17.50 31.47
CA LYS F 13 -5.88 18.92 31.21
C LYS F 13 -5.42 19.81 32.36
N GLU F 14 -5.23 19.25 33.54
CA GLU F 14 -4.80 20.04 34.65
C GLU F 14 -3.33 20.19 34.67
N PHE F 15 -2.58 19.33 34.00
CA PHE F 15 -1.15 19.34 34.13
C PHE F 15 -0.36 19.66 32.90
N VAL F 16 -0.89 19.45 31.70
CA VAL F 16 -0.04 19.58 30.52
C VAL F 16 -0.65 20.67 29.63
N PRO F 17 0.14 21.39 28.80
CA PRO F 17 -0.39 22.42 27.92
C PRO F 17 -1.34 21.81 26.87
N GLU F 18 -2.13 22.60 26.16
CA GLU F 18 -3.01 22.08 25.13
C GLU F 18 -2.25 21.41 24.05
N TRP F 19 -1.10 21.92 23.67
CA TRP F 19 -0.26 21.32 22.65
C TRP F 19 0.98 20.80 23.39
N VAL F 20 1.45 19.62 23.00
CA VAL F 20 2.56 18.94 23.66
C VAL F 20 3.44 18.26 22.64
N ARG F 21 4.65 17.86 23.03
CA ARG F 21 5.38 16.91 22.22
C ARG F 21 5.52 15.66 23.10
N ILE F 22 5.67 14.48 22.49
CA ILE F 22 5.72 13.26 23.24
C ILE F 22 7.02 12.64 22.83
N GLY F 23 7.56 11.75 23.65
CA GLY F 23 8.81 11.13 23.29
C GLY F 23 9.30 10.22 24.42
N PHE F 24 10.56 9.84 24.34
CA PHE F 24 11.16 8.95 25.29
C PHE F 24 12.36 9.64 25.84
N SER F 25 12.73 9.23 27.04
CA SER F 25 13.90 9.76 27.69
C SER F 25 14.67 8.62 28.34
N ALA F 26 15.99 8.55 28.41
CA ALA F 26 16.64 7.53 29.22
C ALA F 26 17.89 8.14 29.80
N THR F 27 18.33 7.74 31.01
CA THR F 27 19.57 8.22 31.66
C THR F 27 20.41 7.14 32.36
N THR F 28 21.70 7.39 32.51
CA THR F 28 22.55 6.57 33.35
C THR F 28 23.19 7.51 34.39
N GLY F 29 23.89 7.08 35.45
CA GLY F 29 24.54 7.95 36.41
C GLY F 29 25.85 7.26 36.81
N ALA F 30 25.96 6.92 38.11
CA ALA F 30 27.07 6.10 38.61
C ALA F 30 26.93 4.73 37.94
N GLU F 31 25.71 4.19 37.84
CA GLU F 31 25.52 2.94 37.12
C GLU F 31 24.80 3.16 35.80
N PHE F 32 24.90 2.16 34.94
CA PHE F 32 24.47 2.29 33.56
C PHE F 32 23.93 1.06 32.89
N ALA F 33 23.24 1.27 31.77
CA ALA F 33 22.60 0.22 30.99
C ALA F 33 22.33 0.81 29.62
N ALA F 34 22.29 0.06 28.52
CA ALA F 34 21.90 0.58 27.22
C ALA F 34 20.37 0.56 27.22
N HIS F 35 19.76 1.56 26.56
CA HIS F 35 18.32 1.69 26.57
C HIS F 35 17.94 1.94 25.11
N GLU F 36 17.16 1.07 24.48
CA GLU F 36 16.87 1.18 23.08
C GLU F 36 15.41 0.94 22.87
N VAL F 37 14.78 1.50 21.83
CA VAL F 37 13.37 1.29 21.49
C VAL F 37 13.43 0.70 20.08
N LEU F 38 12.59 -0.29 19.79
CA LEU F 38 12.66 -1.00 18.54
C LEU F 38 11.47 -0.68 17.66
N SER F 39 10.33 -0.24 18.20
CA SER F 39 9.22 0.11 17.36
C SER F 39 8.35 1.05 18.14
N TRP F 40 7.54 1.88 17.48
CA TRP F 40 6.72 2.85 18.17
C TRP F 40 5.47 3.10 17.35
N TYR F 41 4.31 3.08 17.97
CA TYR F 41 3.08 3.38 17.30
C TYR F 41 2.36 4.37 18.22
N PHE F 42 1.63 5.37 17.69
CA PHE F 42 0.87 6.30 18.47
C PHE F 42 -0.37 6.70 17.71
N HIS F 43 -1.46 6.93 18.40
CA HIS F 43 -2.66 7.43 17.77
C HIS F 43 -3.37 8.32 18.78
N SER F 44 -3.72 9.60 18.57
CA SER F 44 -4.55 10.36 19.47
C SER F 44 -5.80 10.85 18.75
N GLU F 45 -6.90 11.17 19.44
CA GLU F 45 -8.12 11.60 18.82
C GLU F 45 -8.80 12.58 19.75
N LEU F 46 -8.96 13.81 19.26
CA LEU F 46 -9.59 14.90 20.00
C LEU F 46 -10.90 15.29 19.33
N ALA F 47 -12.01 15.02 20.02
CA ALA F 47 -13.38 15.32 19.60
C ALA F 47 -13.60 16.77 19.14
N THR G 1 8.41 -0.50 8.53
CA THR G 1 7.20 0.11 7.98
C THR G 1 6.97 1.39 8.71
N GLU G 2 6.67 2.43 7.95
CA GLU G 2 6.40 3.73 8.51
C GLU G 2 5.06 4.25 8.07
N THR G 3 4.22 4.79 8.93
CA THR G 3 3.02 5.44 8.47
C THR G 3 2.94 6.80 9.21
N THR G 4 2.33 7.82 8.60
CA THR G 4 2.09 9.12 9.17
C THR G 4 0.64 9.40 8.78
N SER G 5 -0.19 9.82 9.75
CA SER G 5 -1.56 10.18 9.46
C SER G 5 -1.95 11.32 10.40
N PHE G 6 -2.87 12.10 9.83
CA PHE G 6 -3.54 13.11 10.59
C PHE G 6 -4.81 13.56 9.92
N SER G 7 -5.70 14.18 10.70
CA SER G 7 -6.79 14.90 10.14
C SER G 7 -7.06 16.15 10.98
N ILE G 8 -7.53 17.19 10.32
CA ILE G 8 -7.90 18.46 10.90
C ILE G 8 -9.21 18.84 10.21
N THR G 9 -10.29 18.70 10.93
CA THR G 9 -11.65 19.04 10.54
C THR G 9 -12.00 20.49 10.67
N LYS G 10 -11.27 21.24 11.47
CA LYS G 10 -11.59 22.61 11.81
C LYS G 10 -10.24 23.16 12.28
N PHE G 11 -9.81 24.26 11.72
CA PHE G 11 -8.55 24.83 12.09
C PHE G 11 -8.83 25.70 13.28
N GLY G 12 -7.91 25.90 14.20
CA GLY G 12 -8.20 26.67 15.38
C GLY G 12 -7.14 27.75 15.49
N PRO G 13 -7.24 28.74 16.40
CA PRO G 13 -6.44 29.92 16.34
C PRO G 13 -4.97 29.61 16.52
N ASP G 14 -4.61 28.52 17.19
CA ASP G 14 -3.20 28.29 17.32
C ASP G 14 -2.97 26.85 16.87
N GLN G 15 -2.78 26.68 15.57
CA GLN G 15 -2.62 25.38 14.95
C GLN G 15 -1.13 25.06 14.87
N GLN G 16 -0.69 24.57 16.00
CA GLN G 16 0.71 24.27 16.23
C GLN G 16 1.31 23.15 15.45
N ASN G 17 0.53 22.28 14.84
CA ASN G 17 1.13 21.26 14.02
C ASN G 17 1.29 21.71 12.57
N LEU G 18 1.19 23.00 12.23
CA LEU G 18 1.39 23.51 10.88
C LEU G 18 2.45 24.58 10.92
N ILE G 19 3.25 24.73 9.87
CA ILE G 19 4.27 25.75 9.68
C ILE G 19 3.57 26.72 8.72
N PHE G 20 3.50 28.00 9.06
CA PHE G 20 2.81 28.99 8.22
C PHE G 20 3.89 29.77 7.53
N GLN G 21 3.70 30.13 6.25
CA GLN G 21 4.72 30.91 5.58
C GLN G 21 3.95 31.95 4.78
N GLY G 22 4.57 33.07 4.48
CA GLY G 22 3.92 34.09 3.67
C GLY G 22 2.84 34.65 4.52
N ASP G 23 1.68 34.79 3.93
CA ASP G 23 0.48 35.27 4.53
C ASP G 23 -0.34 34.22 5.26
N GLY G 24 0.06 32.96 5.34
CA GLY G 24 -0.88 31.99 5.84
C GLY G 24 -1.18 32.14 7.30
N TYR G 25 -2.43 32.00 7.70
CA TYR G 25 -2.75 32.00 9.12
C TYR G 25 -4.13 31.35 9.21
N THR G 26 -4.55 31.14 10.44
CA THR G 26 -5.80 30.52 10.70
C THR G 26 -6.76 31.57 11.20
N THR G 27 -8.00 31.57 10.74
CA THR G 27 -9.02 32.44 11.28
C THR G 27 -10.37 31.81 11.00
N LYS G 28 -11.35 32.09 11.87
CA LYS G 28 -12.71 31.54 11.82
C LYS G 28 -12.80 30.09 11.36
N GLU G 29 -11.99 29.26 12.01
CA GLU G 29 -11.89 27.84 11.79
C GLU G 29 -11.44 27.40 10.42
N ARG G 30 -10.85 28.32 9.64
CA ARG G 30 -10.34 28.03 8.31
C ARG G 30 -8.86 28.31 8.23
N LEU G 31 -8.15 27.62 7.36
CA LEU G 31 -6.77 27.94 7.03
C LEU G 31 -6.84 29.02 5.95
N THR G 32 -6.41 30.26 6.15
CA THR G 32 -6.43 31.30 5.15
C THR G 32 -5.07 31.42 4.48
N LEU G 33 -5.01 31.10 3.19
CA LEU G 33 -3.76 31.19 2.50
C LEU G 33 -3.58 32.60 1.93
N THR G 34 -4.63 33.16 1.30
CA THR G 34 -4.58 34.56 0.84
C THR G 34 -5.92 35.21 1.12
N LYS G 35 -5.96 36.53 1.30
CA LYS G 35 -7.22 37.24 1.28
C LYS G 35 -7.37 37.81 -0.12
N ALA G 36 -8.45 38.51 -0.43
CA ALA G 36 -8.69 39.06 -1.76
C ALA G 36 -7.96 40.37 -1.88
N VAL G 37 -6.67 40.32 -2.11
CA VAL G 37 -5.81 41.50 -2.17
C VAL G 37 -4.72 41.18 -3.18
N ARG G 38 -4.15 42.15 -3.86
CA ARG G 38 -3.21 41.88 -4.91
C ARG G 38 -1.87 41.47 -4.38
N ASN G 39 -1.14 40.81 -5.26
CA ASN G 39 0.18 40.30 -5.01
C ASN G 39 0.50 39.68 -3.65
N THR G 40 -0.17 38.64 -3.13
CA THR G 40 0.28 38.00 -1.90
C THR G 40 0.52 36.53 -2.17
N VAL G 41 1.15 35.85 -1.19
CA VAL G 41 1.43 34.43 -1.24
C VAL G 41 1.16 33.96 0.20
N GLY G 42 0.55 32.79 0.33
CA GLY G 42 0.34 32.17 1.63
C GLY G 42 0.65 30.68 1.50
N ARG G 43 1.29 30.02 2.48
CA ARG G 43 1.56 28.59 2.41
C ARG G 43 1.46 28.02 3.82
N ALA G 44 1.11 26.76 3.94
CA ALA G 44 0.99 26.09 5.24
C ALA G 44 1.47 24.68 4.98
N LEU G 45 2.35 24.18 5.84
CA LEU G 45 2.96 22.87 5.70
C LEU G 45 2.67 22.07 6.95
N TYR G 46 2.52 20.74 6.87
CA TYR G 46 2.39 19.92 8.05
C TYR G 46 3.76 19.89 8.73
N SER G 47 3.88 20.00 10.07
CA SER G 47 5.19 20.11 10.68
C SER G 47 6.01 18.87 10.60
N SER G 48 5.46 17.65 10.53
CA SER G 48 6.37 16.51 10.48
C SER G 48 6.84 16.23 9.04
N PRO G 49 8.12 15.99 8.81
CA PRO G 49 8.63 15.39 7.58
C PRO G 49 7.99 14.04 7.32
N ILE G 50 7.66 13.75 6.04
CA ILE G 50 6.97 12.51 5.62
C ILE G 50 8.02 11.66 4.92
N HIS G 51 8.12 10.35 5.19
CA HIS G 51 9.11 9.51 4.53
C HIS G 51 8.39 9.02 3.28
N ILE G 52 8.73 9.55 2.12
CA ILE G 52 7.96 9.22 0.91
C ILE G 52 8.59 8.07 0.08
N TRP G 53 9.89 7.82 0.20
CA TRP G 53 10.52 6.67 -0.43
C TRP G 53 11.81 6.43 0.32
N ASP G 54 12.45 5.29 0.17
CA ASP G 54 13.66 4.98 0.91
C ASP G 54 14.75 4.43 0.01
N SER G 55 15.93 5.00 -0.01
CA SER G 55 16.93 4.55 -0.92
C SER G 55 17.47 3.21 -0.51
N LYS G 56 17.71 2.95 0.78
CA LYS G 56 18.25 1.66 1.21
C LYS G 56 17.44 0.49 0.64
N THR G 57 16.10 0.58 0.59
CA THR G 57 15.34 -0.51 0.03
C THR G 57 14.79 -0.16 -1.33
N GLY G 58 14.83 1.07 -1.76
CA GLY G 58 14.16 1.43 -2.99
C GLY G 58 12.64 1.39 -2.89
N ASN G 59 11.98 1.20 -1.75
CA ASN G 59 10.51 1.25 -1.69
C ASN G 59 9.94 2.67 -1.77
N VAL G 60 8.69 2.84 -2.17
CA VAL G 60 8.08 4.14 -2.37
C VAL G 60 6.78 4.09 -1.62
N ALA G 61 6.29 5.17 -1.04
CA ALA G 61 5.07 5.17 -0.29
C ALA G 61 3.84 5.31 -1.12
N ASN G 62 2.74 4.82 -0.57
CA ASN G 62 1.40 5.09 -1.05
C ASN G 62 0.88 6.22 -0.18
N PHE G 63 0.06 7.18 -0.67
CA PHE G 63 -0.60 8.17 0.18
C PHE G 63 -1.92 8.57 -0.38
N VAL G 64 -2.78 9.10 0.47
CA VAL G 64 -4.06 9.67 0.08
C VAL G 64 -4.14 10.97 0.89
N THR G 65 -4.72 12.04 0.37
CA THR G 65 -5.00 13.24 1.14
C THR G 65 -6.38 13.66 0.61
N SER G 66 -7.25 14.19 1.46
CA SER G 66 -8.45 14.80 0.94
C SER G 66 -8.61 16.13 1.66
N PHE G 67 -9.22 17.15 1.06
CA PHE G 67 -9.36 18.42 1.72
C PHE G 67 -10.52 19.18 1.12
N THR G 68 -11.08 20.15 1.81
CA THR G 68 -12.08 20.98 1.21
C THR G 68 -11.56 22.39 1.12
N PHE G 69 -11.67 23.12 0.03
CA PHE G 69 -11.17 24.47 -0.06
C PHE G 69 -12.22 25.33 -0.78
N VAL G 70 -12.06 26.66 -0.71
CA VAL G 70 -13.00 27.59 -1.30
C VAL G 70 -12.14 28.67 -1.94
N ILE G 71 -12.42 29.09 -3.19
CA ILE G 71 -11.84 30.27 -3.81
C ILE G 71 -13.02 31.27 -3.79
N ASP G 72 -12.82 32.42 -3.18
CA ASP G 72 -13.85 33.43 -3.17
C ASP G 72 -13.28 34.73 -3.75
N ALA G 73 -13.89 35.05 -4.88
CA ALA G 73 -13.46 36.13 -5.73
C ALA G 73 -14.50 37.22 -5.84
N PRO G 74 -14.17 38.52 -5.93
CA PRO G 74 -15.12 39.61 -6.20
C PRO G 74 -16.07 39.28 -7.34
N ASN G 75 -15.64 38.67 -8.45
CA ASN G 75 -16.56 38.31 -9.52
C ASN G 75 -15.95 37.11 -10.21
N SER G 76 -16.63 36.42 -11.08
CA SER G 76 -16.05 35.25 -11.67
C SER G 76 -15.23 35.53 -12.90
N TYR G 77 -15.19 36.79 -13.32
CA TYR G 77 -14.47 37.11 -14.52
C TYR G 77 -13.04 37.42 -14.17
N ASN G 78 -12.75 38.06 -13.04
CA ASN G 78 -11.38 38.44 -12.76
C ASN G 78 -10.97 37.69 -11.51
N VAL G 79 -10.27 36.55 -11.64
CA VAL G 79 -9.90 35.76 -10.48
C VAL G 79 -8.58 35.13 -10.76
N ALA G 80 -7.66 35.27 -9.80
CA ALA G 80 -6.31 34.75 -9.91
C ALA G 80 -5.69 34.49 -8.53
N ASP G 81 -4.58 33.82 -8.34
CA ASP G 81 -3.99 32.97 -9.34
C ASP G 81 -4.28 31.48 -9.28
N GLY G 82 -4.58 31.02 -8.07
CA GLY G 82 -4.92 29.62 -7.82
C GLY G 82 -4.27 29.12 -6.53
N PHE G 83 -4.50 27.84 -6.30
CA PHE G 83 -4.12 27.08 -5.11
C PHE G 83 -3.39 25.78 -5.51
N THR G 84 -2.53 25.24 -4.66
CA THR G 84 -1.70 24.04 -4.90
C THR G 84 -1.74 23.11 -3.68
N PHE G 85 -1.70 21.78 -3.88
CA PHE G 85 -1.26 20.83 -2.84
C PHE G 85 0.13 20.51 -3.39
N PHE G 86 1.23 20.55 -2.62
CA PHE G 86 2.57 20.28 -3.10
C PHE G 86 3.36 19.38 -2.16
N ILE G 87 4.45 18.83 -2.65
CA ILE G 87 5.29 17.90 -1.92
C ILE G 87 6.65 18.52 -2.22
N ALA G 88 7.54 18.77 -1.29
CA ALA G 88 8.73 19.49 -1.62
C ALA G 88 9.85 19.13 -0.65
N PRO G 89 11.13 19.52 -0.78
CA PRO G 89 12.10 19.31 0.27
C PRO G 89 11.63 19.80 1.65
N VAL G 90 12.23 19.28 2.72
CA VAL G 90 11.84 19.58 4.09
C VAL G 90 12.03 21.05 4.45
N ASP G 91 13.07 21.64 3.90
CA ASP G 91 13.33 23.04 4.10
C ASP G 91 12.66 23.96 3.07
N THR G 92 11.55 23.59 2.44
CA THR G 92 10.90 24.44 1.45
C THR G 92 10.44 25.83 1.97
N LYS G 93 10.69 26.85 1.16
CA LYS G 93 10.30 28.19 1.50
C LYS G 93 9.57 28.74 0.30
N PRO G 94 8.77 29.82 0.37
CA PRO G 94 7.98 30.29 -0.76
C PRO G 94 8.88 30.65 -1.94
N GLN G 95 8.44 30.26 -3.14
CA GLN G 95 9.19 30.63 -4.33
C GLN G 95 8.43 31.79 -4.97
N THR G 96 8.41 31.97 -6.28
CA THR G 96 7.80 33.15 -6.89
C THR G 96 6.28 33.11 -6.82
N GLY G 97 5.69 34.26 -6.54
CA GLY G 97 4.24 34.39 -6.48
C GLY G 97 3.57 34.54 -7.85
N GLY G 98 2.35 35.07 -7.80
CA GLY G 98 1.60 35.29 -9.03
C GLY G 98 1.33 33.98 -9.73
N GLY G 99 1.57 33.90 -11.02
CA GLY G 99 1.23 32.72 -11.77
C GLY G 99 2.04 31.49 -11.42
N TYR G 100 3.17 31.67 -10.72
CA TYR G 100 4.02 30.56 -10.29
C TYR G 100 3.54 29.84 -9.01
N LEU G 101 2.48 30.38 -8.41
CA LEU G 101 1.76 29.75 -7.32
C LEU G 101 2.53 29.57 -6.02
N GLY G 102 3.65 30.28 -5.80
CA GLY G 102 4.44 30.24 -4.58
C GLY G 102 5.25 28.96 -4.54
N VAL G 103 5.25 28.16 -5.61
CA VAL G 103 5.87 26.85 -5.53
C VAL G 103 6.94 26.68 -6.59
N PHE G 104 6.98 27.46 -7.68
CA PHE G 104 7.99 27.24 -8.72
C PHE G 104 8.54 28.58 -9.12
N ASN G 105 9.59 28.59 -9.90
CA ASN G 105 10.22 29.82 -10.35
C ASN G 105 10.38 29.80 -11.88
N SER G 106 9.93 28.80 -12.65
CA SER G 106 10.18 28.74 -14.07
C SER G 106 9.28 27.74 -14.73
N LYS G 107 9.24 27.89 -16.07
CA LYS G 107 8.48 27.02 -16.93
C LYS G 107 9.37 25.98 -17.54
N ASP G 108 10.67 26.11 -17.46
CA ASP G 108 11.53 25.06 -18.00
C ASP G 108 11.80 24.08 -16.87
N TYR G 109 11.93 22.79 -17.15
CA TYR G 109 12.11 21.77 -16.13
C TYR G 109 13.36 22.12 -15.34
N ASP G 110 13.18 22.23 -14.01
CA ASP G 110 14.26 22.48 -13.09
C ASP G 110 14.37 21.36 -12.08
N LYS G 111 15.29 20.42 -12.30
CA LYS G 111 15.47 19.34 -11.36
C LYS G 111 15.90 19.77 -9.97
N THR G 112 16.47 20.93 -9.67
CA THR G 112 16.81 21.22 -8.29
C THR G 112 15.61 21.62 -7.42
N SER G 113 14.49 21.87 -8.12
CA SER G 113 13.26 22.26 -7.51
C SER G 113 12.79 21.11 -6.64
N GLN G 114 12.83 19.87 -7.07
CA GLN G 114 12.38 18.75 -6.29
C GLN G 114 10.98 18.85 -5.71
N THR G 115 10.07 19.55 -6.42
CA THR G 115 8.72 19.62 -5.93
C THR G 115 7.72 19.23 -7.00
N VAL G 116 6.69 18.49 -6.59
CA VAL G 116 5.58 18.20 -7.46
C VAL G 116 4.35 18.80 -6.82
N ALA G 117 3.46 19.36 -7.63
CA ALA G 117 2.30 20.04 -7.11
C ALA G 117 1.09 19.66 -7.94
N VAL G 118 -0.08 19.69 -7.35
CA VAL G 118 -1.29 19.49 -8.07
C VAL G 118 -1.85 20.92 -7.99
N GLU G 119 -2.02 21.61 -9.12
CA GLU G 119 -2.53 22.97 -9.10
C GLU G 119 -3.98 23.14 -9.44
N PHE G 120 -4.69 24.09 -8.87
CA PHE G 120 -6.05 24.37 -9.21
C PHE G 120 -5.85 25.83 -9.68
N ASP G 121 -5.69 25.99 -10.99
CA ASP G 121 -5.30 27.23 -11.60
C ASP G 121 -6.43 28.02 -12.19
N THR G 122 -6.60 29.22 -11.66
CA THR G 122 -7.70 30.05 -12.08
C THR G 122 -7.41 31.18 -13.06
N PHE G 123 -6.16 31.32 -13.56
CA PHE G 123 -5.78 32.42 -14.38
C PHE G 123 -4.83 31.91 -15.41
N TYR G 124 -5.23 32.29 -16.63
CA TYR G 124 -4.49 31.93 -17.83
C TYR G 124 -3.31 32.86 -18.06
N ASN G 125 -2.14 32.23 -17.89
CA ASN G 125 -0.87 32.88 -18.11
C ASN G 125 -0.44 32.37 -19.48
N THR G 126 -0.35 33.28 -20.45
CA THR G 126 -0.20 32.86 -21.84
C THR G 126 1.11 32.13 -22.06
N ALA G 127 2.15 32.52 -21.34
CA ALA G 127 3.41 31.83 -21.51
C ALA G 127 3.52 30.37 -21.07
N TRP G 128 2.55 29.69 -20.43
CA TRP G 128 2.72 28.25 -20.07
C TRP G 128 1.44 27.51 -19.88
N ASP G 129 0.33 28.22 -19.70
CA ASP G 129 -0.92 27.55 -19.49
C ASP G 129 -1.56 27.04 -20.76
N PRO G 130 -2.43 26.05 -20.70
CA PRO G 130 -3.25 25.63 -21.81
C PRO G 130 -3.82 26.77 -22.66
N SER G 131 -3.49 26.69 -23.94
CA SER G 131 -3.86 27.66 -24.98
C SER G 131 -5.34 27.99 -25.07
N ASN G 132 -6.16 27.04 -24.61
CA ASN G 132 -7.58 27.30 -24.64
C ASN G 132 -7.99 28.37 -23.65
N GLY G 133 -7.09 28.77 -22.73
CA GLY G 133 -7.38 29.76 -21.71
C GLY G 133 -8.39 29.26 -20.69
N ASP G 134 -8.62 27.97 -20.54
CA ASP G 134 -9.57 27.48 -19.55
C ASP G 134 -8.91 27.44 -18.20
N ARG G 135 -9.72 27.44 -17.16
CA ARG G 135 -9.19 27.30 -15.81
C ARG G 135 -8.99 25.78 -15.75
N HIS G 136 -8.01 25.30 -14.98
CA HIS G 136 -7.66 23.90 -14.99
C HIS G 136 -7.02 23.35 -13.74
N ILE G 137 -7.11 22.04 -13.60
CA ILE G 137 -6.41 21.26 -12.59
C ILE G 137 -5.15 20.80 -13.32
N GLY G 138 -3.97 20.84 -12.73
CA GLY G 138 -2.82 20.33 -13.42
C GLY G 138 -1.90 19.61 -12.47
N ILE G 139 -0.94 18.85 -12.96
CA ILE G 139 0.01 18.07 -12.19
C ILE G 139 1.28 18.66 -12.69
N ASP G 140 2.03 19.26 -11.79
CA ASP G 140 3.27 19.91 -12.12
C ASP G 140 4.48 19.19 -11.53
N VAL G 141 5.58 18.92 -12.21
CA VAL G 141 6.70 18.31 -11.54
C VAL G 141 7.83 19.15 -12.01
N ASN G 142 8.52 19.75 -11.07
CA ASN G 142 9.67 20.62 -11.33
C ASN G 142 9.47 21.84 -12.22
N SER G 143 8.21 22.25 -12.43
CA SER G 143 7.88 23.37 -13.28
C SER G 143 6.45 23.83 -13.16
N ILE G 144 6.16 25.10 -13.46
CA ILE G 144 4.80 25.59 -13.47
C ILE G 144 4.01 25.17 -14.71
N LYS G 145 4.72 24.70 -15.73
CA LYS G 145 4.10 24.21 -16.96
C LYS G 145 3.70 22.76 -16.69
N SER G 146 2.43 22.38 -16.55
CA SER G 146 1.98 21.07 -16.15
C SER G 146 2.27 19.99 -17.18
N ILE G 147 2.37 18.73 -16.75
CA ILE G 147 2.53 17.64 -17.69
C ILE G 147 1.15 17.21 -18.14
N ASN G 148 0.07 17.49 -17.48
CA ASN G 148 -1.24 17.06 -17.93
C ASN G 148 -2.20 18.02 -17.31
N THR G 149 -3.33 18.34 -17.91
CA THR G 149 -4.27 19.35 -17.48
C THR G 149 -5.71 18.85 -17.64
N LYS G 150 -6.74 19.24 -16.90
CA LYS G 150 -8.13 18.91 -17.18
C LYS G 150 -8.86 20.24 -17.06
N SER G 151 -9.80 20.68 -17.91
CA SER G 151 -10.50 21.95 -17.70
C SER G 151 -11.44 21.80 -16.54
N TRP G 152 -11.64 22.87 -15.79
CA TRP G 152 -12.47 22.81 -14.62
C TRP G 152 -13.25 24.10 -14.64
N ALA G 153 -14.51 24.09 -14.28
CA ALA G 153 -15.25 25.31 -14.17
C ALA G 153 -15.37 25.56 -12.66
N LEU G 154 -14.77 26.69 -12.30
CA LEU G 154 -14.71 27.22 -10.97
C LEU G 154 -16.06 27.58 -10.45
N GLN G 155 -16.62 27.04 -9.40
CA GLN G 155 -17.82 27.64 -8.85
C GLN G 155 -17.37 28.54 -7.67
N ASN G 156 -17.50 29.83 -7.94
CA ASN G 156 -17.07 30.86 -7.03
C ASN G 156 -17.82 30.89 -5.72
N GLY G 157 -17.03 30.88 -4.63
CA GLY G 157 -17.58 30.87 -3.29
C GLY G 157 -18.02 29.48 -2.85
N LYS G 158 -17.97 28.47 -3.72
CA LYS G 158 -18.39 27.14 -3.37
C LYS G 158 -17.25 26.23 -2.92
N GLU G 159 -17.60 25.24 -2.10
CA GLU G 159 -16.68 24.25 -1.55
C GLU G 159 -16.40 23.17 -2.56
N ALA G 160 -15.15 22.91 -2.83
CA ALA G 160 -14.76 21.83 -3.69
C ALA G 160 -14.14 20.79 -2.76
N ASN G 161 -14.45 19.51 -2.80
CA ASN G 161 -13.72 18.53 -1.98
C ASN G 161 -12.77 17.80 -2.92
N VAL G 162 -11.49 17.63 -2.57
CA VAL G 162 -10.63 16.94 -3.48
C VAL G 162 -9.97 15.79 -2.78
N VAL G 163 -9.67 14.72 -3.52
CA VAL G 163 -8.96 13.57 -3.00
C VAL G 163 -7.78 13.46 -3.91
N ILE G 164 -6.56 13.26 -3.39
CA ILE G 164 -5.41 13.04 -4.24
C ILE G 164 -4.82 11.72 -3.75
N ALA G 165 -4.41 10.80 -4.62
CA ALA G 165 -3.91 9.52 -4.17
C ALA G 165 -2.75 9.08 -5.02
N PHE G 166 -1.81 8.43 -4.42
CA PHE G 166 -0.67 7.97 -5.14
C PHE G 166 -0.51 6.52 -4.74
N ASN G 167 -0.36 5.68 -5.76
CA ASN G 167 -0.17 4.28 -5.60
C ASN G 167 1.23 4.03 -6.03
N ALA G 168 2.14 3.56 -5.18
CA ALA G 168 3.54 3.35 -5.55
C ALA G 168 3.82 2.21 -6.53
N ALA G 169 2.99 1.17 -6.42
CA ALA G 169 3.08 -0.01 -7.25
C ALA G 169 2.89 0.41 -8.68
N THR G 170 1.87 1.19 -9.01
CA THR G 170 1.70 1.61 -10.39
C THR G 170 2.27 2.99 -10.73
N ASN G 171 2.74 3.75 -9.73
CA ASN G 171 3.17 5.14 -9.88
C ASN G 171 2.13 6.09 -10.42
N VAL G 172 0.89 5.85 -10.06
CA VAL G 172 -0.22 6.60 -10.59
C VAL G 172 -0.71 7.57 -9.50
N LEU G 173 -0.80 8.84 -9.90
CA LEU G 173 -1.26 9.92 -9.06
C LEU G 173 -2.62 10.20 -9.61
N THR G 174 -3.66 10.21 -8.78
CA THR G 174 -5.00 10.50 -9.19
C THR G 174 -5.55 11.71 -8.40
N VAL G 175 -6.26 12.65 -9.07
CA VAL G 175 -6.84 13.87 -8.49
C VAL G 175 -8.32 13.88 -8.79
N SER G 176 -9.18 14.07 -7.83
CA SER G 176 -10.58 14.15 -8.11
C SER G 176 -11.02 15.43 -7.47
N LEU G 177 -11.91 16.22 -8.07
CA LEU G 177 -12.44 17.42 -7.47
C LEU G 177 -13.96 17.32 -7.56
N THR G 178 -14.82 17.48 -6.56
CA THR G 178 -16.24 17.46 -6.77
C THR G 178 -16.91 18.64 -6.12
N TYR G 179 -17.80 19.38 -6.76
CA TYR G 179 -18.66 20.35 -6.07
C TYR G 179 -19.92 19.57 -5.73
N PRO G 180 -20.63 19.86 -4.66
CA PRO G 180 -22.05 19.55 -4.47
C PRO G 180 -23.08 20.09 -5.50
N THR H 2 -20.35 18.41 -9.31
CA THR H 2 -19.96 17.88 -10.63
C THR H 2 -18.51 17.46 -10.40
N SER H 3 -17.94 16.48 -11.08
CA SER H 3 -16.64 15.96 -10.75
C SER H 3 -15.68 16.07 -11.90
N TYR H 4 -14.39 16.18 -11.57
CA TYR H 4 -13.31 16.31 -12.54
C TYR H 4 -12.31 15.34 -12.00
N THR H 5 -11.51 14.70 -12.84
CA THR H 5 -10.59 13.69 -12.41
C THR H 5 -9.35 13.82 -13.24
N LEU H 6 -8.18 13.38 -12.83
CA LEU H 6 -6.97 13.46 -13.61
C LEU H 6 -6.09 12.37 -12.99
N ASN H 7 -5.68 11.37 -13.74
CA ASN H 7 -4.89 10.21 -13.30
C ASN H 7 -3.59 10.52 -13.98
N GLU H 8 -2.37 10.24 -13.57
CA GLU H 8 -1.22 10.40 -14.43
C GLU H 8 -0.12 9.51 -13.85
N VAL H 9 0.92 9.14 -14.55
CA VAL H 9 1.91 8.25 -13.97
C VAL H 9 3.04 9.19 -13.58
N VAL H 10 3.40 9.38 -12.30
CA VAL H 10 4.58 10.18 -12.00
C VAL H 10 5.37 9.40 -10.95
N PRO H 11 6.59 8.98 -11.30
CA PRO H 11 7.46 8.23 -10.43
C PRO H 11 8.10 9.18 -9.46
N LEU H 12 7.39 9.49 -8.36
CA LEU H 12 7.90 10.42 -7.35
C LEU H 12 9.34 10.19 -6.95
N LYS H 13 9.87 8.98 -6.84
CA LYS H 13 11.25 8.73 -6.40
C LYS H 13 12.30 9.44 -7.21
N GLU H 14 11.88 9.77 -8.44
CA GLU H 14 12.75 10.47 -9.38
C GLU H 14 12.88 11.99 -9.19
N PHE H 15 11.82 12.60 -8.67
CA PHE H 15 11.73 14.05 -8.49
C PHE H 15 11.88 14.50 -7.04
N VAL H 16 11.30 13.83 -6.03
CA VAL H 16 11.33 14.37 -4.66
C VAL H 16 12.40 13.69 -3.78
N PRO H 17 12.99 14.33 -2.71
CA PRO H 17 13.90 13.65 -1.77
C PRO H 17 13.17 12.56 -1.00
N GLU H 18 13.91 11.75 -0.24
CA GLU H 18 13.37 10.63 0.53
C GLU H 18 12.38 11.11 1.58
N TRP H 19 12.72 12.25 2.19
CA TRP H 19 11.92 12.88 3.20
C TRP H 19 11.43 14.18 2.60
N VAL H 20 10.15 14.52 2.76
CA VAL H 20 9.54 15.69 2.20
C VAL H 20 8.65 16.38 3.22
N ARG H 21 8.21 17.62 2.96
CA ARG H 21 7.08 18.19 3.67
C ARG H 21 6.00 18.37 2.65
N ILE H 22 4.76 18.32 3.08
CA ILE H 22 3.59 18.46 2.22
C ILE H 22 2.83 19.71 2.69
N GLY H 23 2.12 20.40 1.81
CA GLY H 23 1.40 21.53 2.27
C GLY H 23 0.59 22.13 1.17
N PHE H 24 0.09 23.33 1.41
CA PHE H 24 -0.71 24.03 0.46
C PHE H 24 -0.08 25.38 0.14
N SER H 25 -0.32 25.87 -1.08
CA SER H 25 0.15 27.17 -1.52
C SER H 25 -1.01 27.91 -2.23
N ALA H 26 -1.08 29.23 -2.11
CA ALA H 26 -1.96 30.01 -2.95
C ALA H 26 -1.32 31.37 -3.10
N THR H 27 -1.55 31.99 -4.27
CA THR H 27 -1.06 33.31 -4.63
C THR H 27 -2.11 34.14 -5.35
N THR H 28 -1.88 35.45 -5.38
CA THR H 28 -2.63 36.40 -6.17
C THR H 28 -1.59 37.23 -6.89
N GLY H 29 -1.94 38.00 -7.91
CA GLY H 29 -0.98 38.89 -8.56
C GLY H 29 -1.78 40.17 -8.85
N ALA H 30 -1.91 40.53 -10.14
CA ALA H 30 -2.68 41.70 -10.52
C ALA H 30 -4.11 41.32 -10.32
N GLU H 31 -4.52 40.06 -10.48
CA GLU H 31 -5.86 39.67 -10.06
C GLU H 31 -5.85 38.85 -8.78
N PHE H 32 -7.01 38.61 -8.15
CA PHE H 32 -7.01 38.08 -6.81
C PHE H 32 -8.29 37.37 -6.44
N ALA H 33 -8.26 36.66 -5.31
CA ALA H 33 -9.37 35.93 -4.75
C ALA H 33 -8.88 35.52 -3.37
N ALA H 34 -9.74 35.23 -2.42
CA ALA H 34 -9.32 34.65 -1.13
C ALA H 34 -9.25 33.15 -1.35
N HIS H 35 -8.30 32.48 -0.71
CA HIS H 35 -8.09 31.04 -0.92
C HIS H 35 -7.99 30.45 0.47
N GLU H 36 -8.90 29.57 0.82
CA GLU H 36 -9.03 29.09 2.20
C GLU H 36 -9.23 27.58 2.19
N VAL H 37 -8.85 26.88 3.27
CA VAL H 37 -8.98 25.44 3.35
C VAL H 37 -9.81 25.21 4.59
N LEU H 38 -10.77 24.30 4.49
CA LEU H 38 -11.71 24.05 5.55
C LEU H 38 -11.33 22.78 6.28
N SER H 39 -10.75 21.73 5.70
CA SER H 39 -10.40 20.56 6.48
C SER H 39 -9.32 19.87 5.70
N TRP H 40 -8.49 19.03 6.30
CA TRP H 40 -7.44 18.29 5.63
C TRP H 40 -7.24 16.92 6.28
N TYR H 41 -7.13 15.86 5.49
CA TYR H 41 -6.84 14.54 6.00
C TYR H 41 -5.66 14.04 5.22
N PHE H 42 -4.69 13.35 5.83
CA PHE H 42 -3.56 12.81 5.11
C PHE H 42 -3.18 11.41 5.63
N HIS H 43 -2.78 10.45 4.81
CA HIS H 43 -2.30 9.17 5.25
C HIS H 43 -1.17 8.72 4.36
N SER H 44 0.04 8.36 4.78
CA SER H 44 1.03 7.75 3.93
C SER H 44 1.49 6.43 4.59
N GLU H 45 2.11 5.50 3.88
CA GLU H 45 2.55 4.22 4.45
C GLU H 45 3.71 3.80 3.60
N LEU H 46 4.82 3.43 4.20
CA LEU H 46 6.01 3.05 3.47
C LEU H 46 6.46 1.71 4.01
N ALA H 47 6.55 0.70 3.15
CA ALA H 47 6.93 -0.61 3.58
C ALA H 47 8.42 -0.64 3.85
N GLY H 48 8.84 -1.42 4.82
CA GLY H 48 10.22 -1.54 5.15
C GLY H 48 10.29 -2.63 6.21
CA CA I . 21.52 -25.02 -28.27
MN MN J . 19.50 -21.82 -30.63
C1 MUR K . 23.90 -33.34 -25.34
O1 MUR K . 24.40 -34.62 -25.35
C2 MUR K . 22.52 -33.30 -25.20
N2 MUR K . 21.94 -34.50 -25.43
C3 MUR K . 22.11 -32.19 -26.12
O3 MUR K . 20.70 -32.26 -26.44
C4 MUR K . 22.65 -31.03 -25.27
O4 MUR K . 22.57 -29.88 -26.10
C5 MUR K . 24.16 -31.20 -24.77
O5 MUR K . 24.35 -32.53 -24.31
C6 MUR K . 24.80 -30.28 -23.68
O6 MUR K . 23.99 -30.38 -22.53
C7 MUR K . 20.09 -33.02 -27.54
C8 MUR K . 20.48 -34.52 -27.66
O8 MUR K . 21.65 -34.85 -27.78
O9 MUR K . 19.77 -35.42 -27.26
C9 MUR K . 18.61 -32.99 -27.25
CA CA L . -30.88 -13.64 3.50
MN MN M . -27.37 -10.86 5.60
C1 MUR N . -35.77 -20.72 1.20
O1 MUR N . -36.34 -21.86 0.61
C2 MUR N . -34.41 -21.10 1.57
N2 MUR N . -34.54 -22.26 2.33
C3 MUR N . -33.75 -20.01 2.35
O3 MUR N . -32.43 -20.52 2.65
C4 MUR N . -33.81 -18.82 1.41
O4 MUR N . -33.31 -17.63 1.98
C5 MUR N . -35.25 -18.51 0.91
O5 MUR N . -35.78 -19.66 0.28
C6 MUR N . -35.45 -17.37 -0.08
O6 MUR N . -35.01 -17.78 -1.37
C7 MUR N . -31.91 -20.92 3.92
C8 MUR N . -31.86 -22.46 3.95
O8 MUR N . -30.81 -23.05 3.62
O9 MUR N . -32.91 -23.09 4.14
C9 MUR N . -30.45 -20.46 3.87
CA CA O . 15.53 5.64 40.33
MN MN P . 10.82 5.78 40.58
C1 MUR Q . 24.25 8.34 40.87
O1 MUR Q . 25.59 8.74 40.84
C2 MUR Q . 23.43 9.41 40.27
N2 MUR Q . 23.94 10.65 40.63
C3 MUR Q . 22.01 9.21 40.72
O3 MUR Q . 21.29 10.39 40.34
C4 MUR Q . 21.70 7.89 39.98
O4 MUR Q . 20.43 7.40 40.28
C5 MUR Q . 22.70 6.75 40.31
O5 MUR Q . 24.05 7.17 40.15
C6 MUR Q . 22.55 5.56 39.45
O6 MUR Q . 23.37 5.67 38.32
C7 MUR Q . 20.84 11.49 41.12
C8 MUR Q . 21.70 12.09 42.24
O8 MUR Q . 22.90 12.25 42.06
O9 MUR Q . 21.20 12.59 43.28
C9 MUR Q . 19.37 11.40 41.46
CA CA R . -1.98 30.45 -14.29
MN MN S . -1.56 26.11 -15.07
C1 MUR T . 0.37 39.25 -13.20
O1 MUR T . 0.76 40.57 -13.13
C2 MUR T . 1.32 38.43 -12.48
N2 MUR T . 2.58 38.99 -12.59
C3 MUR T . 1.14 37.05 -13.07
O3 MUR T . 2.21 36.21 -12.65
C4 MUR T . -0.29 36.68 -12.56
O4 MUR T . -0.66 35.42 -13.06
C5 MUR T . -1.37 37.71 -13.02
O5 MUR T . -0.91 39.01 -12.67
C6 MUR T . -2.80 37.54 -12.49
O6 MUR T . -2.81 37.87 -11.13
C7 MUR T . 3.43 36.01 -13.37
C8 MUR T . 3.90 37.31 -14.08
O8 MUR T . 4.80 38.04 -13.60
O9 MUR T . 3.10 37.83 -14.89
C9 MUR T . 4.50 35.51 -12.38
#